data_6E8O
#
_entry.id   6E8O
#
_cell.length_a   207.034
_cell.length_b   51.022
_cell.length_c   111.552
_cell.angle_alpha   90.000
_cell.angle_beta   119.870
_cell.angle_gamma   90.000
#
_symmetry.space_group_name_H-M   'C 1 2 1'
#
loop_
_entity.id
_entity.type
_entity.pdbx_description
1 polymer '2,3-dihydroxybenzoate-AMP ligase'
2 non-polymer 'ADENOSINE MONOPHOSPHATE'
3 non-polymer 'SULFATE ION'
4 non-polymer GLYCEROL
5 water water
#
_entity_poly.entity_id   1
_entity_poly.type   'polypeptide(L)'
_entity_poly.pdbx_seq_one_letter_code
;GSHMLDGCTPWPAEFAVRYREAGYWTGETFSDFVTDRTRRFADRLAVVGAGQRWTYAELGERSAVLATGLARLGIAAGDR
VVVQLPNIPELFEVVFALFRLGALPVYALPAHRAHEITHLCTTAQAKALIIPDRHAGFDYRTMAAQLRHAGTAPEHVVVV
GEPGGFTPLAELRADRPDPGVFTRPEASDAAFLQLSGGTTGLPKLIPRTHDDYLYSVRASAEICALGTDTVYLAALPAVH
NFPMSSPGFLGTFHAGGTVVLAPNPSPDTAFSLIETERVTITAVVPPIALQWLDAVEHGSQSHRDLSSLRVLQVGGAKFA
PEAARRVRPVLGCTLQQVFGMAEGLVNYTRLDDPDDIITTTQGRPISPDDEIRIVDEADRPVPDGEVGHLLTRGPYTIRG
YYRAEEHNATAFTPDGFYRTGDLVRRTPTGHLVVEGRAKDQINRGGEKVSAEEVENHILAHPAVHDAAVVGMSDPYLGER
VCAYVIARTEPPSRSELLRFLRERGLASYKIPDRVEFVDRFPVTGVGKISRSELRRELARRLDTTR
;
_entity_poly.pdbx_strand_id   A,B
#
# COMPACT_ATOMS: atom_id res chain seq x y z
N GLY A 7 -22.45 26.69 -23.63
CA GLY A 7 -23.35 26.88 -22.49
C GLY A 7 -22.70 26.59 -21.15
N CYS A 8 -21.37 26.61 -21.12
CA CYS A 8 -20.61 26.34 -19.91
C CYS A 8 -20.14 27.65 -19.29
N THR A 9 -19.73 27.58 -18.03
CA THR A 9 -19.20 28.74 -17.31
C THR A 9 -17.74 28.46 -16.96
N PRO A 10 -16.80 29.29 -17.41
CA PRO A 10 -15.38 29.02 -17.18
C PRO A 10 -14.92 29.58 -15.83
N TRP A 11 -13.84 29.00 -15.32
CA TRP A 11 -13.17 29.59 -14.17
C TRP A 11 -12.61 30.96 -14.58
N PRO A 12 -12.58 31.92 -13.65
CA PRO A 12 -11.91 33.19 -13.96
C PRO A 12 -10.44 32.95 -14.27
N ALA A 13 -9.91 33.79 -15.15
CA ALA A 13 -8.54 33.62 -15.63
C ALA A 13 -7.53 33.54 -14.49
N GLU A 14 -7.72 34.35 -13.44
CA GLU A 14 -6.74 34.37 -12.37
C GLU A 14 -6.81 33.11 -11.51
N PHE A 15 -7.97 32.45 -11.47
CA PHE A 15 -8.06 31.17 -10.77
C PHE A 15 -7.43 30.06 -11.60
N ALA A 16 -7.72 30.02 -12.90
CA ALA A 16 -7.09 29.03 -13.76
C ALA A 16 -5.58 29.09 -13.65
N VAL A 17 -5.02 30.31 -13.65
CA VAL A 17 -3.57 30.47 -13.51
C VAL A 17 -3.09 29.87 -12.19
N ARG A 18 -3.81 30.18 -11.10
CA ARG A 18 -3.44 29.67 -9.79
C ARG A 18 -3.42 28.14 -9.79
N TYR A 19 -4.43 27.52 -10.41
CA TYR A 19 -4.55 26.07 -10.33
C TYR A 19 -3.51 25.37 -11.20
N ARG A 20 -3.15 25.94 -12.33
CA ARG A 20 -2.10 25.34 -13.16
C ARG A 20 -0.73 25.49 -12.53
N GLU A 21 -0.43 26.67 -11.98
CA GLU A 21 0.87 26.86 -11.32
C GLU A 21 1.00 26.01 -10.06
N ALA A 22 -0.12 25.72 -9.38
CA ALA A 22 -0.08 24.86 -8.21
C ALA A 22 0.10 23.39 -8.57
N GLY A 23 -0.05 23.01 -9.83
CA GLY A 23 0.11 21.64 -10.25
C GLY A 23 -1.16 20.82 -10.20
N TYR A 24 -2.29 21.44 -9.86
CA TYR A 24 -3.57 20.76 -9.89
C TYR A 24 -3.99 20.44 -11.32
N TRP A 25 -3.98 21.46 -12.18
CA TRP A 25 -4.40 21.33 -13.57
C TRP A 25 -3.16 21.11 -14.43
N THR A 26 -2.97 19.87 -14.89
CA THR A 26 -1.70 19.48 -15.52
C THR A 26 -1.70 19.61 -17.04
N GLY A 27 -2.86 19.72 -17.68
CA GLY A 27 -2.95 19.73 -19.12
C GLY A 27 -3.29 18.39 -19.76
N GLU A 28 -3.25 17.30 -19.02
CA GLU A 28 -3.59 16.00 -19.58
C GLU A 28 -5.08 15.89 -19.86
N THR A 29 -5.43 15.28 -20.99
CA THR A 29 -6.82 15.03 -21.35
C THR A 29 -7.16 13.55 -21.15
N PHE A 30 -8.45 13.25 -21.19
CA PHE A 30 -8.84 11.85 -21.12
C PHE A 30 -8.38 11.08 -22.35
N SER A 31 -8.23 11.75 -23.49
CA SER A 31 -7.61 11.13 -24.66
C SER A 31 -6.18 10.65 -24.34
N ASP A 32 -5.37 11.53 -23.73
CA ASP A 32 -4.04 11.15 -23.27
C ASP A 32 -4.11 10.04 -22.23
N PHE A 33 -5.11 10.10 -21.35
CA PHE A 33 -5.22 9.19 -20.23
C PHE A 33 -5.41 7.75 -20.72
N VAL A 34 -6.33 7.55 -21.66
CA VAL A 34 -6.59 6.22 -22.19
C VAL A 34 -5.32 5.62 -22.78
N THR A 35 -4.62 6.39 -23.62
CA THR A 35 -3.41 5.88 -24.26
C THR A 35 -2.30 5.61 -23.26
N ASP A 36 -2.07 6.54 -22.33
CA ASP A 36 -0.94 6.41 -21.44
C ASP A 36 -1.14 5.28 -20.44
N ARG A 37 -2.31 5.22 -19.79
CA ARG A 37 -2.49 4.23 -18.75
C ARG A 37 -2.56 2.82 -19.33
N THR A 38 -3.21 2.64 -20.49
CA THR A 38 -3.27 1.31 -21.07
C THR A 38 -1.90 0.86 -21.59
N ARG A 39 -1.00 1.77 -21.90
CA ARG A 39 0.36 1.38 -22.27
C ARG A 39 1.23 1.16 -21.05
N ARG A 40 1.14 2.08 -20.08
CA ARG A 40 1.92 2.01 -18.86
C ARG A 40 1.66 0.73 -18.07
N PHE A 41 0.41 0.25 -18.09
CA PHE A 41 0.00 -0.90 -17.29
C PHE A 41 -0.45 -2.06 -18.16
N ALA A 42 0.01 -2.09 -19.42
CA ALA A 42 -0.51 -2.97 -20.45
C ALA A 42 -0.76 -4.41 -19.98
N ASP A 43 0.22 -5.00 -19.30
CA ASP A 43 0.14 -6.43 -18.96
C ASP A 43 -0.70 -6.71 -17.72
N ARG A 44 -1.06 -5.69 -16.96
CA ARG A 44 -1.80 -5.89 -15.72
C ARG A 44 -3.28 -6.08 -16.02
N LEU A 45 -4.00 -6.63 -15.03
CA LEU A 45 -5.43 -6.87 -15.14
C LEU A 45 -6.19 -5.58 -14.81
N ALA A 46 -7.02 -5.12 -15.74
CA ALA A 46 -7.76 -3.86 -15.62
C ALA A 46 -9.21 -4.04 -15.19
N VAL A 47 -9.93 -4.98 -15.80
CA VAL A 47 -11.37 -5.12 -15.62
C VAL A 47 -11.71 -6.59 -15.41
N VAL A 48 -12.52 -6.86 -14.38
CA VAL A 48 -13.11 -8.17 -14.15
C VAL A 48 -14.62 -7.97 -14.06
N GLY A 49 -15.37 -8.65 -14.91
CA GLY A 49 -16.82 -8.56 -14.88
C GLY A 49 -17.48 -9.44 -15.93
N ALA A 50 -18.63 -10.02 -15.59
CA ALA A 50 -19.47 -10.75 -16.55
C ALA A 50 -18.69 -11.87 -17.24
N GLY A 51 -17.86 -12.59 -16.48
CA GLY A 51 -17.06 -13.66 -17.04
C GLY A 51 -15.86 -13.21 -17.83
N GLN A 52 -15.62 -11.90 -17.90
CA GLN A 52 -14.53 -11.30 -18.64
C GLN A 52 -13.38 -10.92 -17.71
N ARG A 53 -12.15 -11.04 -18.22
CA ARG A 53 -10.96 -10.55 -17.53
C ARG A 53 -10.09 -9.88 -18.60
N TRP A 54 -10.06 -8.54 -18.60
CA TRP A 54 -9.34 -7.76 -19.60
C TRP A 54 -8.09 -7.15 -18.98
N THR A 55 -6.95 -7.35 -19.63
CA THR A 55 -5.76 -6.57 -19.30
C THR A 55 -5.94 -5.13 -19.77
N TYR A 56 -5.06 -4.24 -19.29
CA TYR A 56 -5.05 -2.87 -19.78
C TYR A 56 -4.84 -2.83 -21.29
N ALA A 57 -3.96 -3.70 -21.79
CA ALA A 57 -3.76 -3.79 -23.23
C ALA A 57 -5.07 -4.10 -23.96
N GLU A 58 -5.81 -5.09 -23.47
CA GLU A 58 -7.06 -5.44 -24.15
C GLU A 58 -8.06 -4.31 -24.08
N LEU A 59 -8.19 -3.66 -22.93
CA LEU A 59 -9.06 -2.49 -22.82
C LEU A 59 -8.65 -1.42 -23.82
N GLY A 60 -7.34 -1.19 -23.97
CA GLY A 60 -6.88 -0.25 -24.97
C GLY A 60 -7.28 -0.65 -26.38
N GLU A 61 -7.03 -1.92 -26.74
CA GLU A 61 -7.36 -2.40 -28.09
C GLU A 61 -8.86 -2.33 -28.35
N ARG A 62 -9.66 -2.78 -27.38
CA ARG A 62 -11.12 -2.78 -27.57
C ARG A 62 -11.66 -1.38 -27.74
N SER A 63 -11.18 -0.42 -26.93
CA SER A 63 -11.67 0.94 -27.04
C SER A 63 -11.23 1.60 -28.35
N ALA A 64 -10.05 1.24 -28.86
CA ALA A 64 -9.62 1.79 -30.14
C ALA A 64 -10.49 1.28 -31.29
N VAL A 65 -10.86 0.00 -31.24
CA VAL A 65 -11.77 -0.54 -32.25
C VAL A 65 -13.15 0.12 -32.15
N LEU A 66 -13.66 0.22 -30.92
CA LEU A 66 -14.96 0.82 -30.69
C LEU A 66 -15.00 2.25 -31.23
N ALA A 67 -14.00 3.04 -30.85
CA ALA A 67 -13.90 4.43 -31.29
C ALA A 67 -13.96 4.53 -32.81
N THR A 68 -13.23 3.64 -33.51
CA THR A 68 -13.28 3.61 -34.97
C THR A 68 -14.68 3.37 -35.48
N GLY A 69 -15.42 2.45 -34.84
CA GLY A 69 -16.78 2.18 -35.26
C GLY A 69 -17.76 3.27 -34.91
N LEU A 70 -17.56 3.94 -33.77
CA LEU A 70 -18.37 5.12 -33.46
C LEU A 70 -18.12 6.25 -34.46
N ALA A 71 -16.86 6.45 -34.85
CA ALA A 71 -16.57 7.42 -35.88
C ALA A 71 -17.29 7.07 -37.19
N ARG A 72 -17.27 5.79 -37.57
CA ARG A 72 -17.94 5.40 -38.81
C ARG A 72 -19.44 5.60 -38.71
N LEU A 73 -19.99 5.46 -37.50
CA LEU A 73 -21.41 5.70 -37.28
C LEU A 73 -21.78 7.15 -37.49
N GLY A 74 -20.87 8.07 -37.17
CA GLY A 74 -21.12 9.50 -37.32
C GLY A 74 -20.77 10.35 -36.11
N ILE A 75 -20.24 9.72 -35.06
CA ILE A 75 -19.85 10.46 -33.86
C ILE A 75 -18.54 11.17 -34.12
N ALA A 76 -18.51 12.47 -33.86
CA ALA A 76 -17.35 13.32 -34.10
C ALA A 76 -16.95 14.03 -32.81
N ALA A 77 -15.80 14.69 -32.85
CA ALA A 77 -15.31 15.40 -31.68
C ALA A 77 -16.30 16.48 -31.25
N GLY A 78 -16.66 16.46 -29.97
CA GLY A 78 -17.59 17.41 -29.40
C GLY A 78 -19.03 16.94 -29.32
N ASP A 79 -19.38 15.87 -30.04
CA ASP A 79 -20.72 15.32 -29.96
C ASP A 79 -20.99 14.75 -28.57
N ARG A 80 -22.21 14.95 -28.08
CA ARG A 80 -22.64 14.36 -26.82
C ARG A 80 -23.30 13.01 -27.06
N VAL A 81 -22.96 12.03 -26.22
CA VAL A 81 -23.48 10.67 -26.33
C VAL A 81 -23.96 10.26 -24.94
N VAL A 82 -25.26 9.97 -24.81
CA VAL A 82 -25.81 9.54 -23.54
C VAL A 82 -25.47 8.07 -23.32
N VAL A 83 -24.80 7.77 -22.21
CA VAL A 83 -24.40 6.41 -21.86
C VAL A 83 -25.17 5.99 -20.61
N GLN A 84 -26.03 4.97 -20.75
CA GLN A 84 -26.84 4.45 -19.64
C GLN A 84 -26.65 2.93 -19.56
N LEU A 85 -25.54 2.52 -18.93
CA LEU A 85 -25.14 1.11 -18.91
C LEU A 85 -25.01 0.58 -17.49
N PRO A 86 -25.34 -0.70 -17.25
CA PRO A 86 -25.13 -1.28 -15.91
C PRO A 86 -23.66 -1.53 -15.64
N ASN A 87 -23.34 -2.17 -14.50
CA ASN A 87 -21.95 -2.46 -14.17
C ASN A 87 -21.50 -3.68 -14.98
N ILE A 88 -21.23 -3.44 -16.26
CA ILE A 88 -20.73 -4.49 -17.16
C ILE A 88 -19.45 -3.98 -17.82
N PRO A 89 -18.57 -4.88 -18.27
CA PRO A 89 -17.29 -4.43 -18.84
C PRO A 89 -17.44 -3.54 -20.05
N GLU A 90 -18.51 -3.69 -20.83
CA GLU A 90 -18.73 -2.84 -21.99
C GLU A 90 -18.76 -1.37 -21.62
N LEU A 91 -19.15 -1.03 -20.39
CA LEU A 91 -19.15 0.36 -19.96
C LEU A 91 -17.78 1.00 -20.16
N PHE A 92 -16.71 0.33 -19.70
CA PHE A 92 -15.40 0.95 -19.73
C PHE A 92 -14.86 1.05 -21.16
N GLU A 93 -15.16 0.06 -22.01
CA GLU A 93 -14.69 0.16 -23.38
C GLU A 93 -15.49 1.22 -24.14
N VAL A 94 -16.76 1.41 -23.81
CA VAL A 94 -17.54 2.48 -24.43
C VAL A 94 -17.04 3.84 -23.99
N VAL A 95 -16.81 4.02 -22.68
CA VAL A 95 -16.36 5.31 -22.17
C VAL A 95 -14.98 5.67 -22.71
N PHE A 96 -14.04 4.72 -22.67
CA PHE A 96 -12.71 4.96 -23.23
C PHE A 96 -12.79 5.31 -24.72
N ALA A 97 -13.65 4.60 -25.47
CA ALA A 97 -13.81 4.89 -26.89
C ALA A 97 -14.24 6.32 -27.12
N LEU A 98 -15.24 6.79 -26.36
CA LEU A 98 -15.72 8.15 -26.54
C LEU A 98 -14.64 9.17 -26.22
N PHE A 99 -13.82 8.88 -25.20
CA PHE A 99 -12.72 9.78 -24.88
C PHE A 99 -11.67 9.82 -25.99
N ARG A 100 -11.46 8.68 -26.65
CA ARG A 100 -10.50 8.65 -27.77
C ARG A 100 -10.93 9.56 -28.90
N LEU A 101 -12.24 9.65 -29.16
CA LEU A 101 -12.79 10.48 -30.22
C LEU A 101 -12.90 11.95 -29.85
N GLY A 102 -12.62 12.31 -28.60
CA GLY A 102 -12.95 13.64 -28.14
C GLY A 102 -14.44 13.92 -28.05
N ALA A 103 -15.26 12.88 -27.95
CA ALA A 103 -16.69 13.04 -27.72
C ALA A 103 -16.98 13.15 -26.23
N LEU A 104 -18.19 13.61 -25.92
CA LEU A 104 -18.54 13.86 -24.52
C LEU A 104 -19.55 12.84 -24.03
N PRO A 105 -19.16 11.91 -23.14
CA PRO A 105 -20.18 11.10 -22.46
C PRO A 105 -21.13 11.99 -21.69
N VAL A 106 -22.39 11.59 -21.66
CA VAL A 106 -23.43 12.21 -20.83
C VAL A 106 -23.98 11.06 -19.98
N TYR A 107 -23.62 11.04 -18.71
CA TYR A 107 -23.82 9.84 -17.90
C TYR A 107 -25.23 9.79 -17.31
N ALA A 108 -25.95 8.72 -17.62
CA ALA A 108 -27.21 8.41 -16.96
C ALA A 108 -27.04 7.13 -16.15
N LEU A 109 -27.84 7.00 -15.08
CA LEU A 109 -27.80 5.83 -14.21
C LEU A 109 -28.84 4.81 -14.63
N PRO A 110 -28.62 3.53 -14.30
CA PRO A 110 -29.56 2.49 -14.75
C PRO A 110 -30.99 2.70 -14.29
N ALA A 111 -31.19 3.31 -13.11
CA ALA A 111 -32.52 3.53 -12.56
C ALA A 111 -33.26 4.69 -13.22
N HIS A 112 -32.58 5.48 -14.06
CA HIS A 112 -33.25 6.57 -14.75
C HIS A 112 -34.20 6.02 -15.81
N ARG A 113 -35.25 6.79 -16.09
CA ARG A 113 -36.29 6.32 -16.99
C ARG A 113 -36.59 7.34 -18.08
N ALA A 114 -37.69 7.13 -18.81
CA ALA A 114 -37.97 7.95 -19.99
C ALA A 114 -37.93 9.44 -19.66
N HIS A 115 -38.42 9.83 -18.48
CA HIS A 115 -38.46 11.25 -18.14
C HIS A 115 -37.07 11.85 -18.06
N GLU A 116 -36.15 11.16 -17.37
CA GLU A 116 -34.80 11.69 -17.21
C GLU A 116 -33.99 11.56 -18.49
N ILE A 117 -34.17 10.46 -19.23
CA ILE A 117 -33.39 10.24 -20.44
C ILE A 117 -33.81 11.22 -21.53
N THR A 118 -35.11 11.49 -21.63
CA THR A 118 -35.57 12.53 -22.56
C THR A 118 -34.92 13.87 -22.24
N HIS A 119 -34.88 14.22 -20.96
CA HIS A 119 -34.27 15.49 -20.56
C HIS A 119 -32.80 15.55 -20.96
N LEU A 120 -32.05 14.47 -20.72
CA LEU A 120 -30.63 14.45 -21.05
C LEU A 120 -30.41 14.54 -22.56
N CYS A 121 -31.15 13.74 -23.33
CA CYS A 121 -30.97 13.72 -24.78
C CYS A 121 -31.29 15.08 -25.39
N THR A 122 -32.41 15.68 -25.00
CA THR A 122 -32.80 16.94 -25.62
C THR A 122 -31.91 18.09 -25.15
N THR A 123 -31.62 18.16 -23.85
CA THR A 123 -30.81 19.25 -23.33
C THR A 123 -29.39 19.21 -23.89
N ALA A 124 -28.80 18.02 -23.97
CA ALA A 124 -27.44 17.84 -24.47
C ALA A 124 -27.39 17.73 -25.99
N GLN A 125 -28.53 17.72 -26.67
CA GLN A 125 -28.60 17.52 -28.12
C GLN A 125 -27.75 16.32 -28.52
N ALA A 126 -28.01 15.19 -27.86
CA ALA A 126 -27.17 14.02 -28.00
C ALA A 126 -27.26 13.41 -29.40
N LYS A 127 -26.10 13.03 -29.94
CA LYS A 127 -26.04 12.33 -31.22
C LYS A 127 -26.41 10.86 -31.07
N ALA A 128 -26.10 10.24 -29.92
CA ALA A 128 -26.38 8.82 -29.74
C ALA A 128 -26.82 8.54 -28.31
N LEU A 129 -27.44 7.36 -28.14
CA LEU A 129 -27.80 6.80 -26.85
C LEU A 129 -27.29 5.37 -26.80
N ILE A 130 -26.53 5.03 -25.76
CA ILE A 130 -26.00 3.67 -25.60
C ILE A 130 -26.64 3.05 -24.36
N ILE A 131 -27.27 1.90 -24.53
CA ILE A 131 -28.11 1.25 -23.52
C ILE A 131 -27.87 -0.26 -23.56
N PRO A 132 -28.23 -0.96 -22.49
CA PRO A 132 -28.35 -2.42 -22.56
C PRO A 132 -29.69 -2.80 -23.18
N ASP A 133 -29.86 -4.09 -23.48
CA ASP A 133 -31.18 -4.53 -23.92
C ASP A 133 -32.17 -4.50 -22.75
N ARG A 134 -31.90 -5.26 -21.70
CA ARG A 134 -32.72 -5.31 -20.51
C ARG A 134 -31.82 -5.37 -19.28
N HIS A 135 -32.28 -4.77 -18.19
CA HIS A 135 -31.55 -4.81 -16.93
C HIS A 135 -32.53 -4.62 -15.79
N ALA A 136 -32.49 -5.54 -14.81
CA ALA A 136 -33.38 -5.47 -13.65
C ALA A 136 -34.84 -5.38 -14.08
N GLY A 137 -35.19 -6.13 -15.12
CA GLY A 137 -36.56 -6.22 -15.59
C GLY A 137 -37.03 -5.10 -16.49
N PHE A 138 -36.21 -4.06 -16.69
CA PHE A 138 -36.60 -2.91 -17.52
C PHE A 138 -36.04 -3.09 -18.92
N ASP A 139 -36.87 -2.84 -19.92
CA ASP A 139 -36.46 -2.93 -21.32
C ASP A 139 -36.12 -1.53 -21.81
N TYR A 140 -34.81 -1.26 -21.96
CA TYR A 140 -34.36 0.04 -22.45
C TYR A 140 -34.58 0.22 -23.94
N ARG A 141 -34.71 -0.88 -24.69
CA ARG A 141 -35.06 -0.77 -26.10
C ARG A 141 -36.47 -0.19 -26.26
N THR A 142 -37.41 -0.66 -25.45
CA THR A 142 -38.75 -0.08 -25.46
C THR A 142 -38.72 1.40 -25.10
N MET A 143 -37.90 1.79 -24.12
CA MET A 143 -37.77 3.19 -23.75
C MET A 143 -37.26 4.01 -24.94
N ALA A 144 -36.18 3.56 -25.58
CA ALA A 144 -35.65 4.27 -26.74
C ALA A 144 -36.69 4.37 -27.85
N ALA A 145 -37.49 3.30 -28.03
CA ALA A 145 -38.56 3.33 -29.02
C ALA A 145 -39.65 4.33 -28.67
N GLN A 146 -39.90 4.52 -27.37
CA GLN A 146 -40.85 5.55 -26.96
C GLN A 146 -40.34 6.95 -27.29
N LEU A 147 -39.05 7.21 -27.03
CA LEU A 147 -38.47 8.49 -27.43
C LEU A 147 -38.55 8.68 -28.94
N ARG A 148 -38.20 7.65 -29.72
CA ARG A 148 -38.34 7.73 -31.17
C ARG A 148 -39.77 8.07 -31.56
N HIS A 149 -40.75 7.45 -30.90
CA HIS A 149 -42.14 7.72 -31.22
C HIS A 149 -42.50 9.18 -30.97
N ALA A 150 -41.91 9.78 -29.94
CA ALA A 150 -42.20 11.15 -29.57
C ALA A 150 -41.34 12.18 -30.30
N GLY A 151 -40.34 11.74 -31.07
CA GLY A 151 -39.46 12.65 -31.76
C GLY A 151 -38.30 13.16 -30.94
N THR A 152 -37.97 12.49 -29.83
CA THR A 152 -36.99 13.00 -28.89
C THR A 152 -35.76 12.12 -28.77
N ALA A 153 -35.63 11.06 -29.57
CA ALA A 153 -34.50 10.17 -29.37
C ALA A 153 -33.31 10.60 -30.22
N PRO A 154 -32.10 10.33 -29.76
CA PRO A 154 -30.94 10.53 -30.63
C PRO A 154 -31.07 9.70 -31.90
N GLU A 155 -30.46 10.21 -32.98
CA GLU A 155 -30.56 9.50 -34.25
C GLU A 155 -29.82 8.17 -34.23
N HIS A 156 -28.89 7.96 -33.30
CA HIS A 156 -28.23 6.66 -33.15
C HIS A 156 -28.53 6.10 -31.78
N VAL A 157 -29.00 4.85 -31.77
CA VAL A 157 -29.24 4.10 -30.53
C VAL A 157 -28.47 2.79 -30.63
N VAL A 158 -27.54 2.57 -29.70
CA VAL A 158 -26.67 1.39 -29.72
C VAL A 158 -27.00 0.54 -28.50
N VAL A 159 -27.24 -0.76 -28.73
CA VAL A 159 -27.71 -1.68 -27.71
C VAL A 159 -26.63 -2.71 -27.41
N VAL A 160 -26.32 -2.88 -26.13
CA VAL A 160 -25.45 -3.96 -25.65
C VAL A 160 -26.36 -5.16 -25.37
N GLY A 161 -26.22 -6.21 -26.17
CA GLY A 161 -27.07 -7.38 -26.02
C GLY A 161 -27.85 -7.70 -27.29
N GLU A 162 -29.14 -7.98 -27.15
CA GLU A 162 -30.01 -8.21 -28.29
C GLU A 162 -30.55 -6.88 -28.77
N PRO A 163 -30.26 -6.47 -30.01
CA PRO A 163 -30.47 -5.07 -30.39
C PRO A 163 -31.91 -4.72 -30.73
N GLY A 164 -32.76 -5.70 -31.00
CA GLY A 164 -34.05 -5.38 -31.59
C GLY A 164 -33.83 -4.78 -32.96
N GLY A 165 -34.37 -3.59 -33.17
CA GLY A 165 -34.20 -2.86 -34.41
C GLY A 165 -33.16 -1.78 -34.37
N PHE A 166 -32.39 -1.67 -33.30
CA PHE A 166 -31.39 -0.62 -33.14
C PHE A 166 -30.02 -1.14 -33.55
N THR A 167 -28.99 -0.35 -33.31
CA THR A 167 -27.63 -0.72 -33.71
C THR A 167 -27.02 -1.61 -32.65
N PRO A 168 -26.68 -2.86 -32.98
CA PRO A 168 -25.95 -3.70 -32.01
C PRO A 168 -24.56 -3.15 -31.78
N LEU A 169 -24.11 -3.21 -30.53
CA LEU A 169 -22.74 -2.79 -30.22
C LEU A 169 -21.73 -3.49 -31.12
N ALA A 170 -21.99 -4.77 -31.47
CA ALA A 170 -21.05 -5.53 -32.28
C ALA A 170 -20.79 -4.88 -33.63
N GLU A 171 -21.75 -4.11 -34.16
CA GLU A 171 -21.55 -3.43 -35.43
C GLU A 171 -20.40 -2.44 -35.35
N LEU A 172 -20.16 -1.86 -34.18
CA LEU A 172 -19.09 -0.88 -33.96
C LEU A 172 -17.72 -1.53 -33.84
N ARG A 173 -17.64 -2.86 -33.83
CA ARG A 173 -16.37 -3.56 -33.76
C ARG A 173 -15.90 -4.08 -35.12
N ALA A 174 -16.61 -3.75 -36.20
CA ALA A 174 -16.39 -4.42 -37.48
C ALA A 174 -15.09 -4.00 -38.17
N ASP A 175 -14.46 -2.91 -37.72
CA ASP A 175 -13.33 -2.33 -38.44
C ASP A 175 -12.10 -2.30 -37.53
N ARG A 176 -10.93 -2.51 -38.14
CA ARG A 176 -9.69 -2.44 -37.40
C ARG A 176 -9.45 -1.02 -36.91
N PRO A 177 -8.62 -0.85 -35.87
CA PRO A 177 -8.40 0.49 -35.31
C PRO A 177 -7.85 1.44 -36.35
N ASP A 178 -8.34 2.69 -36.33
CA ASP A 178 -7.84 3.74 -37.20
C ASP A 178 -7.59 4.99 -36.36
N PRO A 179 -6.41 5.14 -35.77
CA PRO A 179 -6.13 6.34 -34.96
C PRO A 179 -6.26 7.64 -35.71
N GLY A 180 -6.39 7.61 -37.04
CA GLY A 180 -6.62 8.82 -37.80
C GLY A 180 -7.94 9.50 -37.49
N VAL A 181 -8.90 8.77 -36.91
CA VAL A 181 -10.17 9.39 -36.55
C VAL A 181 -10.22 9.85 -35.09
N PHE A 182 -9.18 9.59 -34.31
CA PHE A 182 -9.18 10.05 -32.93
C PHE A 182 -8.85 11.55 -32.87
N THR A 183 -9.27 12.20 -31.79
CA THR A 183 -9.04 13.62 -31.61
C THR A 183 -8.64 13.90 -30.16
N ARG A 184 -7.60 14.72 -29.99
CA ARG A 184 -7.23 15.18 -28.66
C ARG A 184 -7.87 16.53 -28.40
N PRO A 185 -8.77 16.65 -27.42
CA PRO A 185 -9.35 17.95 -27.12
C PRO A 185 -8.41 18.84 -26.32
N GLU A 186 -8.87 20.01 -25.90
CA GLU A 186 -8.14 20.86 -24.97
C GLU A 186 -8.52 20.48 -23.54
N ALA A 187 -7.53 20.46 -22.65
CA ALA A 187 -7.78 20.03 -21.27
C ALA A 187 -8.72 20.97 -20.54
N SER A 188 -8.88 22.20 -21.01
CA SER A 188 -9.83 23.15 -20.44
C SER A 188 -11.26 22.94 -20.92
N ASP A 189 -11.46 22.13 -21.95
CA ASP A 189 -12.79 21.83 -22.48
C ASP A 189 -13.54 20.89 -21.53
N ALA A 190 -14.86 20.90 -21.64
CA ALA A 190 -15.67 19.90 -20.95
C ALA A 190 -15.40 18.52 -21.52
N ALA A 191 -15.11 17.57 -20.63
CA ALA A 191 -14.87 16.18 -21.05
C ALA A 191 -16.13 15.34 -21.06
N PHE A 192 -17.12 15.70 -20.25
CA PHE A 192 -18.36 14.93 -20.15
C PHE A 192 -19.35 15.76 -19.35
N LEU A 193 -20.61 15.33 -19.38
CA LEU A 193 -21.67 15.94 -18.59
C LEU A 193 -22.27 14.88 -17.67
N GLN A 194 -22.61 15.29 -16.45
CA GLN A 194 -23.29 14.39 -15.54
C GLN A 194 -24.46 15.13 -14.88
N LEU A 195 -25.34 14.36 -14.24
CA LEU A 195 -26.55 14.90 -13.65
C LEU A 195 -26.31 15.32 -12.21
N SER A 196 -26.89 16.46 -11.82
CA SER A 196 -26.93 16.85 -10.43
C SER A 196 -28.01 16.05 -9.70
N GLY A 197 -27.99 16.17 -8.36
CA GLY A 197 -28.99 15.47 -7.57
C GLY A 197 -30.42 15.88 -7.88
N GLY A 198 -30.61 17.15 -8.23
CA GLY A 198 -31.95 17.67 -8.46
C GLY A 198 -32.60 18.21 -7.19
N THR A 199 -33.28 19.35 -7.29
CA THR A 199 -33.89 19.95 -6.12
C THR A 199 -35.30 20.42 -6.42
N THR A 200 -35.43 21.40 -7.31
CA THR A 200 -36.74 22.02 -7.57
C THR A 200 -37.45 21.46 -8.80
N GLY A 201 -36.81 20.56 -9.56
CA GLY A 201 -37.45 20.01 -10.75
C GLY A 201 -36.54 19.12 -11.57
N LEU A 202 -36.41 19.40 -12.86
CA LEU A 202 -35.51 18.61 -13.70
C LEU A 202 -34.08 18.89 -13.25
N PRO A 203 -33.28 17.82 -13.06
CA PRO A 203 -31.90 18.02 -12.61
C PRO A 203 -31.09 18.75 -13.66
N LYS A 204 -30.18 19.61 -13.21
CA LYS A 204 -29.30 20.33 -14.11
C LYS A 204 -28.15 19.44 -14.54
N LEU A 205 -27.66 19.67 -15.76
CA LEU A 205 -26.45 19.02 -16.26
C LEU A 205 -25.20 19.74 -15.77
N ILE A 206 -24.18 18.97 -15.42
CA ILE A 206 -22.93 19.45 -14.85
C ILE A 206 -21.82 19.17 -15.85
N PRO A 207 -21.17 20.19 -16.43
CA PRO A 207 -19.99 19.93 -17.26
C PRO A 207 -18.72 19.84 -16.43
N ARG A 208 -17.93 18.80 -16.59
CA ARG A 208 -16.65 18.67 -15.91
C ARG A 208 -15.53 18.63 -16.94
N THR A 209 -14.45 19.37 -16.69
CA THR A 209 -13.35 19.47 -17.64
C THR A 209 -12.30 18.39 -17.36
N HIS A 210 -11.48 18.12 -18.39
CA HIS A 210 -10.37 17.18 -18.24
C HIS A 210 -9.48 17.56 -17.07
N ASP A 211 -9.06 18.83 -17.04
CA ASP A 211 -8.12 19.26 -16.02
C ASP A 211 -8.72 19.17 -14.62
N ASP A 212 -9.97 19.61 -14.44
CA ASP A 212 -10.47 19.66 -13.08
C ASP A 212 -10.87 18.27 -12.59
N TYR A 213 -11.49 17.46 -13.45
CA TYR A 213 -11.87 16.11 -13.01
C TYR A 213 -10.65 15.23 -12.80
N LEU A 214 -9.68 15.26 -13.72
CA LEU A 214 -8.49 14.43 -13.51
C LEU A 214 -7.72 14.85 -12.27
N TYR A 215 -7.72 16.14 -11.93
CA TYR A 215 -7.11 16.55 -10.66
C TYR A 215 -7.79 15.85 -9.49
N SER A 216 -9.12 15.85 -9.46
CA SER A 216 -9.80 15.21 -8.34
C SER A 216 -9.53 13.71 -8.33
N VAL A 217 -9.35 13.11 -9.51
CA VAL A 217 -9.04 11.69 -9.59
C VAL A 217 -7.64 11.42 -9.07
N ARG A 218 -6.64 12.15 -9.56
CA ARG A 218 -5.27 11.94 -9.10
C ARG A 218 -5.15 12.15 -7.60
N ALA A 219 -5.73 13.25 -7.09
CA ALA A 219 -5.60 13.56 -5.67
C ALA A 219 -6.34 12.53 -4.82
N SER A 220 -7.49 12.07 -5.29
CA SER A 220 -8.24 11.05 -4.56
C SER A 220 -7.49 9.72 -4.54
N ALA A 221 -6.83 9.35 -5.64
CA ALA A 221 -6.06 8.13 -5.64
C ALA A 221 -4.95 8.18 -4.60
N GLU A 222 -4.37 9.36 -4.38
CA GLU A 222 -3.30 9.50 -3.40
C GLU A 222 -3.85 9.46 -1.97
N ILE A 223 -4.95 10.16 -1.73
CA ILE A 223 -5.59 10.15 -0.40
C ILE A 223 -5.95 8.72 -0.01
N CYS A 224 -6.37 7.91 -0.97
CA CYS A 224 -6.87 6.56 -0.72
C CYS A 224 -5.82 5.48 -0.92
N ALA A 225 -4.56 5.88 -1.15
CA ALA A 225 -3.40 4.98 -1.13
C ALA A 225 -3.45 3.95 -2.26
N LEU A 226 -3.99 4.34 -3.41
CA LEU A 226 -4.14 3.42 -4.53
C LEU A 226 -2.80 3.13 -5.20
N GLY A 227 -2.70 1.94 -5.78
CA GLY A 227 -1.54 1.52 -6.53
C GLY A 227 -1.88 0.36 -7.44
N THR A 228 -0.84 -0.24 -8.02
CA THR A 228 -1.08 -1.37 -8.90
C THR A 228 -1.64 -2.57 -8.14
N ASP A 229 -1.50 -2.60 -6.81
CA ASP A 229 -2.07 -3.65 -5.98
C ASP A 229 -3.52 -3.39 -5.60
N THR A 230 -4.08 -2.25 -6.02
CA THR A 230 -5.47 -1.94 -5.73
C THR A 230 -6.39 -2.89 -6.50
N VAL A 231 -7.40 -3.41 -5.80
CA VAL A 231 -8.51 -4.11 -6.42
C VAL A 231 -9.77 -3.39 -5.94
N TYR A 232 -10.39 -2.63 -6.82
CA TYR A 232 -11.53 -1.78 -6.51
C TYR A 232 -12.81 -2.50 -6.92
N LEU A 233 -13.72 -2.70 -5.98
CA LEU A 233 -15.03 -3.28 -6.27
C LEU A 233 -16.03 -2.16 -6.54
N ALA A 234 -16.55 -2.10 -7.77
CA ALA A 234 -17.63 -1.17 -8.09
C ALA A 234 -18.95 -1.78 -7.64
N ALA A 235 -19.32 -1.48 -6.39
CA ALA A 235 -20.58 -1.92 -5.80
C ALA A 235 -21.75 -1.00 -6.16
N LEU A 236 -21.50 0.31 -6.35
CA LEU A 236 -22.46 1.31 -6.78
C LEU A 236 -22.47 1.42 -8.29
N PRO A 237 -23.51 2.02 -8.89
CA PRO A 237 -23.50 2.23 -10.35
C PRO A 237 -22.28 3.04 -10.74
N ALA A 238 -21.44 2.45 -11.59
CA ALA A 238 -20.06 2.90 -11.70
C ALA A 238 -19.93 4.32 -12.23
N VAL A 239 -20.90 4.80 -13.00
CA VAL A 239 -20.83 6.13 -13.60
C VAL A 239 -21.28 7.24 -12.66
N HIS A 240 -21.77 6.91 -11.47
CA HIS A 240 -22.01 7.97 -10.51
C HIS A 240 -20.66 8.56 -10.06
N ASN A 241 -20.70 9.85 -9.72
CA ASN A 241 -19.48 10.58 -9.38
C ASN A 241 -18.66 9.86 -8.30
N PHE A 242 -19.35 9.27 -7.32
CA PHE A 242 -18.66 8.63 -6.19
C PHE A 242 -17.88 7.41 -6.63
N PRO A 243 -18.50 6.40 -7.27
CA PRO A 243 -17.74 5.24 -7.74
C PRO A 243 -16.95 5.48 -9.02
N MET A 244 -17.10 6.65 -9.65
CA MET A 244 -16.30 6.97 -10.82
C MET A 244 -15.00 7.68 -10.47
N SER A 245 -14.99 8.54 -9.43
CA SER A 245 -13.83 9.41 -9.23
C SER A 245 -13.38 9.61 -7.79
N SER A 246 -14.00 8.99 -6.78
CA SER A 246 -13.73 9.33 -5.39
C SER A 246 -13.29 8.13 -4.55
N PRO A 247 -12.22 7.42 -4.96
CA PRO A 247 -11.41 7.58 -6.17
C PRO A 247 -12.00 6.83 -7.36
N GLY A 248 -12.93 5.91 -7.10
CA GLY A 248 -13.67 5.22 -8.14
C GLY A 248 -12.80 4.46 -9.14
N PHE A 249 -13.43 4.12 -10.28
CA PHE A 249 -12.73 3.33 -11.28
C PHE A 249 -11.69 4.13 -12.04
N LEU A 250 -11.86 5.45 -12.17
CA LEU A 250 -10.85 6.26 -12.82
C LEU A 250 -9.58 6.36 -11.97
N GLY A 251 -9.75 6.58 -10.66
CA GLY A 251 -8.59 6.56 -9.78
C GLY A 251 -7.86 5.22 -9.83
N THR A 252 -8.60 4.12 -9.88
CA THR A 252 -8.00 2.80 -9.99
C THR A 252 -7.23 2.66 -11.29
N PHE A 253 -7.86 3.00 -12.42
CA PHE A 253 -7.16 2.99 -13.70
C PHE A 253 -5.94 3.90 -13.66
N HIS A 254 -6.07 5.09 -13.09
CA HIS A 254 -4.94 6.02 -12.99
C HIS A 254 -3.74 5.37 -12.32
N ALA A 255 -4.00 4.55 -11.29
CA ALA A 255 -2.94 3.97 -10.49
C ALA A 255 -2.53 2.57 -10.97
N GLY A 256 -3.21 2.02 -11.95
CA GLY A 256 -2.84 0.73 -12.51
C GLY A 256 -3.43 -0.48 -11.81
N GLY A 257 -4.50 -0.31 -11.03
CA GLY A 257 -5.13 -1.40 -10.31
C GLY A 257 -6.19 -2.10 -11.14
N THR A 258 -6.91 -3.00 -10.46
CA THR A 258 -7.96 -3.81 -11.09
C THR A 258 -9.33 -3.29 -10.64
N VAL A 259 -10.25 -3.14 -11.60
CA VAL A 259 -11.62 -2.76 -11.31
C VAL A 259 -12.49 -4.00 -11.46
N VAL A 260 -13.15 -4.38 -10.36
CA VAL A 260 -14.08 -5.51 -10.34
C VAL A 260 -15.50 -4.97 -10.31
N LEU A 261 -16.32 -5.42 -11.25
CA LEU A 261 -17.71 -4.99 -11.37
C LEU A 261 -18.64 -5.91 -10.59
N ALA A 262 -19.40 -5.34 -9.65
CA ALA A 262 -20.47 -6.07 -8.98
C ALA A 262 -21.78 -5.84 -9.71
N PRO A 263 -22.47 -6.89 -10.17
CA PRO A 263 -23.76 -6.69 -10.87
C PRO A 263 -24.85 -6.15 -9.96
N ASN A 264 -24.78 -6.41 -8.66
CA ASN A 264 -25.69 -5.84 -7.66
C ASN A 264 -24.91 -5.73 -6.36
N PRO A 265 -25.39 -4.94 -5.41
CA PRO A 265 -24.62 -4.72 -4.19
C PRO A 265 -25.02 -5.60 -3.01
N SER A 266 -25.69 -6.73 -3.28
CA SER A 266 -26.16 -7.57 -2.19
C SER A 266 -24.98 -8.20 -1.44
N PRO A 267 -25.14 -8.46 -0.13
CA PRO A 267 -24.02 -9.03 0.62
C PRO A 267 -23.50 -10.33 0.02
N ASP A 268 -24.39 -11.16 -0.52
CA ASP A 268 -23.95 -12.42 -1.11
C ASP A 268 -23.12 -12.17 -2.36
N THR A 269 -23.62 -11.33 -3.27
CA THR A 269 -22.88 -11.06 -4.51
C THR A 269 -21.57 -10.34 -4.23
N ALA A 270 -21.61 -9.28 -3.41
CA ALA A 270 -20.42 -8.48 -3.16
C ALA A 270 -19.36 -9.27 -2.37
N PHE A 271 -19.78 -9.99 -1.32
CA PHE A 271 -18.81 -10.73 -0.52
C PHE A 271 -18.15 -11.85 -1.34
N SER A 272 -18.91 -12.45 -2.26
CA SER A 272 -18.35 -13.49 -3.13
C SER A 272 -17.23 -12.92 -3.99
N LEU A 273 -17.42 -11.70 -4.51
CA LEU A 273 -16.39 -11.05 -5.32
C LEU A 273 -15.20 -10.64 -4.47
N ILE A 274 -15.46 -10.13 -3.26
CA ILE A 274 -14.35 -9.76 -2.37
C ILE A 274 -13.47 -10.96 -2.10
N GLU A 275 -14.09 -12.10 -1.77
CA GLU A 275 -13.36 -13.34 -1.54
C GLU A 275 -12.58 -13.79 -2.78
N THR A 276 -13.27 -13.85 -3.92
CA THR A 276 -12.67 -14.45 -5.12
C THR A 276 -11.56 -13.56 -5.68
N GLU A 277 -11.84 -12.27 -5.84
CA GLU A 277 -10.93 -11.34 -6.49
C GLU A 277 -10.01 -10.61 -5.51
N ARG A 278 -10.19 -10.81 -4.20
CA ARG A 278 -9.32 -10.21 -3.19
C ARG A 278 -9.37 -8.69 -3.26
N VAL A 279 -10.60 -8.16 -3.30
CA VAL A 279 -10.86 -6.73 -3.28
C VAL A 279 -10.19 -6.05 -2.08
N THR A 280 -9.53 -4.92 -2.33
CA THR A 280 -8.88 -4.15 -1.28
C THR A 280 -9.63 -2.88 -0.89
N ILE A 281 -10.55 -2.39 -1.72
CA ILE A 281 -11.29 -1.17 -1.41
C ILE A 281 -12.60 -1.20 -2.19
N THR A 282 -13.66 -0.68 -1.58
CA THR A 282 -14.94 -0.56 -2.24
C THR A 282 -15.67 0.67 -1.68
N ALA A 283 -16.73 1.07 -2.38
CA ALA A 283 -17.52 2.24 -2.00
C ALA A 283 -19.00 1.88 -1.98
N VAL A 284 -19.70 2.29 -0.92
CA VAL A 284 -21.12 1.99 -0.75
C VAL A 284 -21.83 3.18 -0.14
N VAL A 285 -23.16 3.17 -0.20
CA VAL A 285 -24.02 4.14 0.46
C VAL A 285 -24.44 3.54 1.81
N PRO A 286 -24.95 4.32 2.75
CA PRO A 286 -25.18 3.80 4.12
C PRO A 286 -26.10 2.59 4.14
N PRO A 287 -27.20 2.58 3.39
CA PRO A 287 -28.08 1.38 3.43
C PRO A 287 -27.36 0.09 3.03
N ILE A 288 -26.44 0.17 2.07
CA ILE A 288 -25.67 -1.02 1.68
C ILE A 288 -24.69 -1.39 2.78
N ALA A 289 -24.03 -0.39 3.36
CA ALA A 289 -23.12 -0.65 4.48
C ALA A 289 -23.84 -1.34 5.63
N LEU A 290 -25.05 -0.87 5.96
CA LEU A 290 -25.82 -1.50 7.02
C LEU A 290 -26.16 -2.95 6.67
N GLN A 291 -26.55 -3.21 5.41
CA GLN A 291 -26.86 -4.57 5.00
C GLN A 291 -25.64 -5.48 5.13
N TRP A 292 -24.47 -4.99 4.71
CA TRP A 292 -23.25 -5.80 4.81
C TRP A 292 -22.89 -6.05 6.26
N LEU A 293 -22.96 -5.01 7.10
CA LEU A 293 -22.65 -5.16 8.52
C LEU A 293 -23.57 -6.19 9.17
N ASP A 294 -24.88 -6.09 8.91
CA ASP A 294 -25.84 -7.01 9.51
C ASP A 294 -25.62 -8.44 9.03
N ALA A 295 -25.36 -8.63 7.73
CA ALA A 295 -25.14 -9.96 7.20
C ALA A 295 -23.97 -10.66 7.87
N VAL A 296 -22.90 -9.91 8.19
CA VAL A 296 -21.74 -10.52 8.81
C VAL A 296 -21.94 -10.68 10.31
N GLU A 297 -22.43 -9.62 10.96
CA GLU A 297 -22.49 -9.64 12.42
C GLU A 297 -23.59 -10.56 12.94
N HIS A 298 -24.72 -10.67 12.25
CA HIS A 298 -25.82 -11.49 12.74
C HIS A 298 -25.95 -12.81 12.01
N GLY A 299 -24.84 -13.31 11.44
CA GLY A 299 -24.75 -14.71 11.08
C GLY A 299 -24.79 -15.10 9.62
N SER A 300 -25.62 -14.43 8.82
CA SER A 300 -25.88 -14.90 7.46
C SER A 300 -24.60 -15.11 6.66
N GLN A 301 -23.62 -14.21 6.81
CA GLN A 301 -22.41 -14.23 5.98
C GLN A 301 -21.14 -14.23 6.82
N SER A 302 -21.22 -14.73 8.06
CA SER A 302 -20.09 -14.63 8.97
C SER A 302 -18.88 -15.43 8.51
N HIS A 303 -19.09 -16.42 7.63
CA HIS A 303 -18.01 -17.28 7.17
C HIS A 303 -17.12 -16.62 6.12
N ARG A 304 -17.64 -15.63 5.40
CA ARG A 304 -16.91 -15.05 4.27
C ARG A 304 -15.54 -14.57 4.70
N ASP A 305 -14.56 -14.74 3.81
CA ASP A 305 -13.20 -14.26 4.04
C ASP A 305 -13.07 -12.87 3.41
N LEU A 306 -13.21 -11.83 4.23
CA LEU A 306 -13.08 -10.45 3.78
C LEU A 306 -11.72 -9.86 4.15
N SER A 307 -10.73 -10.70 4.45
CA SER A 307 -9.46 -10.22 4.97
C SER A 307 -8.74 -9.29 3.99
N SER A 308 -8.99 -9.42 2.68
CA SER A 308 -8.28 -8.57 1.73
C SER A 308 -8.76 -7.12 1.75
N LEU A 309 -9.97 -6.89 2.25
CA LEU A 309 -10.55 -5.55 2.24
C LEU A 309 -9.82 -4.65 3.22
N ARG A 310 -9.25 -3.56 2.71
CA ARG A 310 -8.51 -2.59 3.52
C ARG A 310 -9.33 -1.37 3.89
N VAL A 311 -10.18 -0.89 2.97
CA VAL A 311 -10.92 0.35 3.13
C VAL A 311 -12.35 0.13 2.66
N LEU A 312 -13.31 0.50 3.49
CA LEU A 312 -14.72 0.56 3.11
C LEU A 312 -15.12 2.02 3.07
N GLN A 313 -15.40 2.55 1.89
CA GLN A 313 -15.87 3.93 1.75
C GLN A 313 -17.38 3.95 1.89
N VAL A 314 -17.90 4.88 2.70
CA VAL A 314 -19.33 5.08 2.85
C VAL A 314 -19.63 6.56 2.64
N GLY A 315 -20.56 6.86 1.74
CA GLY A 315 -20.92 8.23 1.44
C GLY A 315 -22.20 8.32 0.65
N GLY A 316 -22.50 9.53 0.19
CA GLY A 316 -23.70 9.83 -0.55
C GLY A 316 -24.88 10.23 0.33
N ALA A 317 -24.86 9.82 1.60
CA ALA A 317 -25.88 10.16 2.59
C ALA A 317 -25.23 10.01 3.96
N LYS A 318 -25.93 10.52 4.98
CA LYS A 318 -25.40 10.54 6.33
C LYS A 318 -25.22 9.12 6.87
N PHE A 319 -24.06 8.86 7.50
CA PHE A 319 -23.70 7.58 8.12
C PHE A 319 -23.55 7.81 9.62
N ALA A 320 -24.45 7.23 10.40
CA ALA A 320 -24.51 7.52 11.82
C ALA A 320 -23.26 7.01 12.54
N PRO A 321 -22.76 7.74 13.54
CA PRO A 321 -21.57 7.28 14.28
C PRO A 321 -21.75 5.89 14.86
N GLU A 322 -22.95 5.59 15.37
CA GLU A 322 -23.22 4.25 15.88
C GLU A 322 -22.86 3.18 14.84
N ALA A 323 -23.36 3.35 13.62
CA ALA A 323 -23.07 2.37 12.57
C ALA A 323 -21.60 2.39 12.18
N ALA A 324 -21.01 3.59 12.09
CA ALA A 324 -19.62 3.72 11.67
C ALA A 324 -18.68 3.00 12.62
N ARG A 325 -19.00 2.98 13.92
CA ARG A 325 -18.18 2.28 14.90
C ARG A 325 -18.19 0.77 14.72
N ARG A 326 -19.10 0.24 13.90
CA ARG A 326 -19.18 -1.20 13.67
C ARG A 326 -18.23 -1.69 12.58
N VAL A 327 -17.70 -0.79 11.75
CA VAL A 327 -17.01 -1.22 10.54
C VAL A 327 -15.76 -2.01 10.86
N ARG A 328 -14.87 -1.45 11.68
CA ARG A 328 -13.64 -2.19 11.98
C ARG A 328 -13.93 -3.44 12.78
N PRO A 329 -14.75 -3.42 13.83
CA PRO A 329 -14.99 -4.64 14.60
C PRO A 329 -15.67 -5.75 13.81
N VAL A 330 -16.59 -5.41 12.91
CA VAL A 330 -17.38 -6.41 12.20
C VAL A 330 -16.68 -6.86 10.91
N LEU A 331 -16.20 -5.90 10.11
CA LEU A 331 -15.65 -6.22 8.81
C LEU A 331 -14.13 -6.30 8.81
N GLY A 332 -13.46 -5.74 9.82
CA GLY A 332 -12.02 -5.82 9.92
C GLY A 332 -11.25 -4.83 9.07
N CYS A 333 -11.91 -3.79 8.58
CA CYS A 333 -11.28 -2.83 7.70
C CYS A 333 -11.43 -1.41 8.26
N THR A 334 -10.71 -0.49 7.63
CA THR A 334 -10.77 0.92 7.97
C THR A 334 -11.96 1.56 7.26
N LEU A 335 -12.78 2.28 8.01
CA LEU A 335 -13.83 3.09 7.41
C LEU A 335 -13.23 4.37 6.83
N GLN A 336 -13.76 4.79 5.68
CA GLN A 336 -13.48 6.11 5.13
C GLN A 336 -14.80 6.75 4.77
N GLN A 337 -15.12 7.87 5.40
CA GLN A 337 -16.32 8.60 5.06
C GLN A 337 -16.02 9.58 3.93
N VAL A 338 -16.94 9.66 2.98
CA VAL A 338 -16.78 10.47 1.77
C VAL A 338 -18.03 11.32 1.61
N PHE A 339 -17.86 12.63 1.73
CA PHE A 339 -18.95 13.59 1.53
C PHE A 339 -18.56 14.42 0.30
N GLY A 340 -19.22 14.15 -0.82
CA GLY A 340 -18.88 14.81 -2.06
C GLY A 340 -20.14 15.07 -2.87
N MET A 341 -19.96 15.72 -4.02
CA MET A 341 -21.10 16.09 -4.84
C MET A 341 -20.66 16.14 -6.29
N ALA A 342 -21.61 15.90 -7.18
CA ALA A 342 -21.31 15.91 -8.61
C ALA A 342 -20.84 17.28 -9.09
N GLU A 343 -21.18 18.35 -8.36
CA GLU A 343 -20.79 19.70 -8.71
C GLU A 343 -19.33 20.00 -8.40
N GLY A 344 -18.68 19.19 -7.57
CA GLY A 344 -17.30 19.43 -7.22
C GLY A 344 -16.84 18.85 -5.91
N LEU A 345 -16.76 19.71 -4.88
CA LEU A 345 -16.15 19.42 -3.59
C LEU A 345 -16.34 17.98 -3.14
N VAL A 346 -15.22 17.34 -2.75
CA VAL A 346 -15.21 16.01 -2.17
C VAL A 346 -14.40 16.05 -0.88
N ASN A 347 -14.99 15.54 0.20
CA ASN A 347 -14.37 15.47 1.52
C ASN A 347 -14.13 14.01 1.89
N TYR A 348 -12.97 13.74 2.49
CA TYR A 348 -12.58 12.41 2.93
C TYR A 348 -12.09 12.46 4.37
N THR A 349 -12.49 11.49 5.18
CA THR A 349 -11.67 11.17 6.32
C THR A 349 -10.39 10.52 5.82
N ARG A 350 -9.29 10.78 6.50
CA ARG A 350 -8.01 10.24 6.06
C ARG A 350 -7.80 8.86 6.68
N LEU A 351 -7.08 8.01 5.95
CA LEU A 351 -6.91 6.63 6.40
C LEU A 351 -6.11 6.54 7.69
N ASP A 352 -5.35 7.59 8.05
CA ASP A 352 -4.63 7.62 9.31
C ASP A 352 -5.23 8.60 10.31
N ASP A 353 -6.48 9.03 10.10
CA ASP A 353 -7.19 9.79 11.12
C ASP A 353 -7.48 8.90 12.33
N PRO A 354 -7.52 9.46 13.53
CA PRO A 354 -7.98 8.68 14.69
C PRO A 354 -9.41 8.19 14.50
N ASP A 355 -9.72 7.06 15.15
CA ASP A 355 -11.02 6.44 14.96
C ASP A 355 -12.17 7.38 15.36
N ASP A 356 -11.95 8.21 16.37
CA ASP A 356 -13.01 9.14 16.78
C ASP A 356 -13.31 10.15 15.69
N ILE A 357 -12.30 10.55 14.91
CA ILE A 357 -12.57 11.44 13.79
C ILE A 357 -13.20 10.68 12.62
N ILE A 358 -12.73 9.47 12.34
CA ILE A 358 -13.26 8.68 11.24
C ILE A 358 -14.75 8.40 11.44
N THR A 359 -15.15 8.08 12.67
CA THR A 359 -16.52 7.63 12.93
C THR A 359 -17.50 8.78 13.19
N THR A 360 -17.02 10.01 13.44
CA THR A 360 -17.93 11.10 13.78
C THR A 360 -17.89 12.27 12.81
N THR A 361 -17.09 12.22 11.73
CA THR A 361 -17.03 13.30 10.76
C THR A 361 -17.15 12.75 9.34
N GLN A 362 -17.48 13.65 8.41
CA GLN A 362 -17.59 13.32 6.99
C GLN A 362 -16.39 13.80 6.18
N GLY A 363 -15.25 14.05 6.84
CA GLY A 363 -13.99 14.27 6.15
C GLY A 363 -13.66 15.75 5.97
N ARG A 364 -12.45 15.99 5.45
CA ARG A 364 -12.03 17.32 5.07
C ARG A 364 -11.68 17.35 3.58
N PRO A 365 -11.66 18.53 2.96
CA PRO A 365 -11.61 18.60 1.50
C PRO A 365 -10.33 18.02 0.89
N ILE A 366 -10.45 17.69 -0.41
CA ILE A 366 -9.31 17.18 -1.17
C ILE A 366 -8.18 18.22 -1.22
N SER A 367 -8.52 19.45 -1.59
CA SER A 367 -7.49 20.39 -2.02
C SER A 367 -7.18 21.45 -0.98
N PRO A 368 -5.92 21.87 -0.86
CA PRO A 368 -5.63 23.07 -0.05
C PRO A 368 -6.34 24.30 -0.58
N ASP A 369 -6.72 24.32 -1.85
CA ASP A 369 -7.43 25.46 -2.44
C ASP A 369 -8.94 25.25 -2.50
N ASP A 370 -9.46 24.19 -1.86
CA ASP A 370 -10.90 24.07 -1.59
C ASP A 370 -11.29 25.10 -0.53
N GLU A 371 -11.98 26.15 -0.95
CA GLU A 371 -12.43 27.19 -0.04
C GLU A 371 -13.77 26.80 0.57
N ILE A 372 -13.89 26.93 1.88
CA ILE A 372 -15.07 26.50 2.63
C ILE A 372 -15.60 27.72 3.39
N ARG A 373 -16.84 28.10 3.10
CA ARG A 373 -17.54 29.15 3.83
C ARG A 373 -18.81 28.57 4.43
N ILE A 374 -19.01 28.78 5.73
CA ILE A 374 -20.20 28.31 6.44
C ILE A 374 -20.92 29.55 6.97
N VAL A 375 -22.08 29.86 6.40
CA VAL A 375 -22.73 31.14 6.59
C VAL A 375 -24.14 30.96 7.14
N ASP A 376 -24.68 32.02 7.72
CA ASP A 376 -26.04 32.01 8.23
C ASP A 376 -27.01 32.37 7.09
N GLU A 377 -28.28 32.61 7.44
CA GLU A 377 -29.31 32.93 6.47
C GLU A 377 -29.04 34.25 5.75
N ALA A 378 -28.08 35.05 6.20
CA ALA A 378 -27.74 36.32 5.57
C ALA A 378 -26.32 36.32 4.99
N ASP A 379 -25.79 35.14 4.67
CA ASP A 379 -24.46 34.98 4.11
C ASP A 379 -23.35 35.48 5.03
N ARG A 380 -23.65 35.64 6.31
CA ARG A 380 -22.63 36.00 7.26
C ARG A 380 -21.96 34.73 7.80
N PRO A 381 -20.63 34.65 7.81
CA PRO A 381 -19.98 33.46 8.36
C PRO A 381 -20.44 33.21 9.79
N VAL A 382 -20.61 31.93 10.13
CA VAL A 382 -21.00 31.54 11.48
C VAL A 382 -19.73 31.34 12.29
N PRO A 383 -19.76 31.56 13.60
CA PRO A 383 -18.57 31.25 14.42
C PRO A 383 -18.12 29.82 14.20
N ASP A 384 -16.81 29.60 14.18
CA ASP A 384 -16.28 28.28 13.93
C ASP A 384 -16.84 27.29 14.95
N GLY A 385 -17.39 26.18 14.46
CA GLY A 385 -18.03 25.18 15.29
C GLY A 385 -19.53 25.14 15.16
N GLU A 386 -20.16 26.24 14.75
CA GLU A 386 -21.60 26.29 14.61
C GLU A 386 -22.04 25.73 13.25
N VAL A 387 -23.32 25.38 13.17
CA VAL A 387 -23.92 24.86 11.95
C VAL A 387 -24.36 26.02 11.07
N GLY A 388 -24.06 25.94 9.78
CA GLY A 388 -24.53 26.96 8.85
C GLY A 388 -24.55 26.42 7.43
N HIS A 389 -24.91 27.30 6.50
CA HIS A 389 -24.96 26.93 5.09
C HIS A 389 -23.54 26.75 4.55
N LEU A 390 -23.33 25.66 3.82
CA LEU A 390 -22.02 25.38 3.22
C LEU A 390 -21.96 26.02 1.84
N LEU A 391 -20.97 26.89 1.65
CA LEU A 391 -20.60 27.44 0.35
C LEU A 391 -19.19 26.99 0.01
N THR A 392 -18.91 26.76 -1.27
CA THR A 392 -17.58 26.27 -1.59
C THR A 392 -17.13 26.72 -2.97
N ARG A 393 -15.81 26.82 -3.13
CA ARG A 393 -15.15 27.30 -4.34
C ARG A 393 -13.80 26.62 -4.40
N GLY A 394 -13.42 26.12 -5.58
CA GLY A 394 -12.18 25.38 -5.66
C GLY A 394 -11.82 24.90 -7.06
N PRO A 395 -10.68 24.22 -7.16
CA PRO A 395 -10.13 23.84 -8.48
C PRO A 395 -10.87 22.71 -9.17
N TYR A 396 -11.87 22.08 -8.55
CA TYR A 396 -12.68 21.11 -9.29
C TYR A 396 -14.16 21.30 -8.99
N THR A 397 -14.55 22.46 -8.45
CA THR A 397 -15.95 22.82 -8.28
C THR A 397 -16.37 23.76 -9.41
N ILE A 398 -17.52 23.45 -10.04
CA ILE A 398 -17.98 24.20 -11.21
C ILE A 398 -18.36 25.63 -10.82
N ARG A 399 -18.42 26.49 -11.84
CA ARG A 399 -18.84 27.88 -11.70
C ARG A 399 -20.23 28.13 -12.27
N GLY A 400 -20.84 27.12 -12.89
CA GLY A 400 -22.18 27.24 -13.42
C GLY A 400 -22.66 25.92 -14.00
N TYR A 401 -23.96 25.69 -13.96
CA TYR A 401 -24.53 24.51 -14.61
C TYR A 401 -24.61 24.74 -16.12
N TYR A 402 -24.77 23.63 -16.84
CA TYR A 402 -24.82 23.66 -18.29
C TYR A 402 -26.13 24.27 -18.76
N ARG A 403 -26.04 25.37 -19.51
CA ARG A 403 -27.21 26.03 -20.11
C ARG A 403 -28.34 26.19 -19.10
N ALA A 404 -28.02 26.80 -17.96
CA ALA A 404 -28.98 27.06 -16.90
C ALA A 404 -28.78 28.50 -16.43
N GLU A 405 -29.06 29.45 -17.33
CA GLU A 405 -28.74 30.84 -17.09
C GLU A 405 -29.46 31.37 -15.84
N GLU A 406 -30.77 31.15 -15.75
CA GLU A 406 -31.52 31.70 -14.62
C GLU A 406 -31.20 30.96 -13.33
N HIS A 407 -31.05 29.63 -13.39
CA HIS A 407 -30.72 28.88 -12.19
C HIS A 407 -29.34 29.25 -11.66
N ASN A 408 -28.37 29.43 -12.55
CA ASN A 408 -27.02 29.79 -12.12
C ASN A 408 -27.01 31.07 -11.30
N ALA A 409 -27.90 32.02 -11.63
CA ALA A 409 -27.97 33.26 -10.86
C ALA A 409 -28.31 33.03 -9.40
N THR A 410 -28.95 31.90 -9.07
CA THR A 410 -29.33 31.61 -7.69
C THR A 410 -28.40 30.63 -7.01
N ALA A 411 -27.82 29.69 -7.75
CA ALA A 411 -27.00 28.62 -7.17
C ALA A 411 -25.58 29.05 -6.87
N PHE A 412 -25.13 30.20 -7.39
CA PHE A 412 -23.77 30.68 -7.20
C PHE A 412 -23.80 32.13 -6.75
N THR A 413 -22.93 32.48 -5.81
CA THR A 413 -22.77 33.86 -5.41
C THR A 413 -22.11 34.65 -6.55
N PRO A 414 -22.15 35.97 -6.48
CA PRO A 414 -21.49 36.77 -7.53
C PRO A 414 -20.00 36.47 -7.67
N ASP A 415 -19.30 36.21 -6.57
CA ASP A 415 -17.87 35.93 -6.61
C ASP A 415 -17.55 34.44 -6.83
N GLY A 416 -18.54 33.63 -7.16
CA GLY A 416 -18.30 32.28 -7.62
C GLY A 416 -18.36 31.16 -6.60
N PHE A 417 -18.92 31.38 -5.42
CA PHE A 417 -19.10 30.28 -4.48
C PHE A 417 -20.37 29.50 -4.84
N TYR A 418 -20.25 28.18 -4.86
CA TYR A 418 -21.38 27.30 -5.12
C TYR A 418 -22.16 27.05 -3.83
N ARG A 419 -23.48 27.23 -3.90
CA ARG A 419 -24.36 26.98 -2.76
C ARG A 419 -24.71 25.49 -2.73
N THR A 420 -24.04 24.74 -1.86
CA THR A 420 -24.23 23.28 -1.85
C THR A 420 -25.63 22.89 -1.41
N GLY A 421 -26.29 23.71 -0.58
CA GLY A 421 -27.54 23.33 0.02
C GLY A 421 -27.43 22.47 1.26
N ASP A 422 -26.22 22.26 1.75
CA ASP A 422 -26.01 21.44 2.94
C ASP A 422 -25.80 22.32 4.16
N LEU A 423 -26.25 21.81 5.30
CA LEU A 423 -25.97 22.40 6.58
C LEU A 423 -24.87 21.58 7.23
N VAL A 424 -23.77 22.24 7.62
CA VAL A 424 -22.59 21.58 8.15
C VAL A 424 -21.99 22.43 9.25
N ARG A 425 -21.11 21.80 10.02
CA ARG A 425 -20.26 22.48 10.99
C ARG A 425 -18.84 21.98 10.81
N ARG A 426 -17.87 22.83 11.14
CA ARG A 426 -16.46 22.54 10.94
C ARG A 426 -15.78 22.28 12.28
N THR A 427 -14.95 21.25 12.32
CA THR A 427 -14.16 20.94 13.50
C THR A 427 -12.83 21.68 13.45
N PRO A 428 -12.12 21.74 14.56
CA PRO A 428 -10.83 22.47 14.58
C PRO A 428 -9.82 21.95 13.58
N THR A 429 -9.91 20.68 13.17
CA THR A 429 -8.96 20.07 12.24
C THR A 429 -9.37 20.22 10.78
N GLY A 430 -10.43 20.97 10.49
CA GLY A 430 -10.88 21.16 9.13
C GLY A 430 -11.94 20.18 8.65
N HIS A 431 -12.22 19.13 9.43
CA HIS A 431 -13.25 18.18 9.05
C HIS A 431 -14.64 18.80 9.16
N LEU A 432 -15.57 18.27 8.38
CA LEU A 432 -16.94 18.75 8.35
C LEU A 432 -17.87 17.67 8.86
N VAL A 433 -18.93 18.10 9.54
CA VAL A 433 -19.99 17.20 9.98
C VAL A 433 -21.27 17.66 9.32
N VAL A 434 -21.88 16.79 8.53
CA VAL A 434 -23.13 17.11 7.85
C VAL A 434 -24.26 16.96 8.86
N GLU A 435 -24.94 18.06 9.15
CA GLU A 435 -25.96 18.10 10.19
C GLU A 435 -27.38 18.30 9.66
N GLY A 436 -27.54 18.67 8.40
CA GLY A 436 -28.88 18.80 7.85
C GLY A 436 -28.84 19.24 6.41
N ARG A 437 -29.97 19.75 5.93
CA ARG A 437 -30.09 20.16 4.55
C ARG A 437 -31.00 21.39 4.45
N ALA A 438 -30.65 22.30 3.55
CA ALA A 438 -31.51 23.44 3.23
C ALA A 438 -32.15 23.36 1.85
N LYS A 439 -31.49 22.74 0.88
CA LYS A 439 -32.08 22.56 -0.43
C LYS A 439 -33.28 21.62 -0.35
N ASP A 440 -34.28 21.87 -1.18
CA ASP A 440 -35.46 21.00 -1.25
C ASP A 440 -35.07 19.75 -2.00
N GLN A 441 -34.76 18.69 -1.27
CA GLN A 441 -34.27 17.44 -1.84
C GLN A 441 -34.36 16.35 -0.79
N ILE A 442 -35.04 15.27 -1.13
CA ILE A 442 -35.11 14.08 -0.28
C ILE A 442 -33.97 13.16 -0.67
N ASN A 443 -33.21 12.69 0.32
CA ASN A 443 -32.04 11.85 0.08
C ASN A 443 -32.40 10.44 0.53
N ARG A 444 -32.79 9.60 -0.43
CA ARG A 444 -33.23 8.24 -0.16
C ARG A 444 -32.01 7.32 -0.27
N GLY A 445 -31.29 7.18 0.84
CA GLY A 445 -30.12 6.32 0.89
C GLY A 445 -29.09 6.61 -0.19
N GLY A 446 -28.92 7.88 -0.56
CA GLY A 446 -27.96 8.27 -1.56
C GLY A 446 -28.56 8.65 -2.90
N GLU A 447 -29.81 8.27 -3.15
CA GLU A 447 -30.53 8.64 -4.36
C GLU A 447 -31.41 9.86 -4.08
N LYS A 448 -31.22 10.91 -4.88
CA LYS A 448 -31.82 12.21 -4.60
C LYS A 448 -33.17 12.36 -5.30
N VAL A 449 -34.16 12.85 -4.57
CA VAL A 449 -35.53 12.99 -5.07
C VAL A 449 -35.99 14.43 -4.86
N SER A 450 -36.44 15.07 -5.93
CA SER A 450 -37.03 16.41 -5.85
C SER A 450 -38.51 16.29 -5.54
N ALA A 451 -38.93 16.86 -4.41
CA ALA A 451 -40.34 16.77 -4.04
C ALA A 451 -41.23 17.46 -5.07
N GLU A 452 -40.83 18.63 -5.55
CA GLU A 452 -41.67 19.35 -6.50
C GLU A 452 -41.84 18.57 -7.80
N GLU A 453 -40.79 17.88 -8.25
CA GLU A 453 -40.89 17.09 -9.46
C GLU A 453 -41.94 15.98 -9.31
N VAL A 454 -41.85 15.21 -8.22
CA VAL A 454 -42.83 14.15 -8.00
C VAL A 454 -44.24 14.73 -7.89
N GLU A 455 -44.38 15.85 -7.18
CA GLU A 455 -45.69 16.48 -7.05
C GLU A 455 -46.27 16.82 -8.41
N ASN A 456 -45.47 17.45 -9.28
CA ASN A 456 -45.96 17.88 -10.59
C ASN A 456 -46.54 16.72 -11.39
N HIS A 457 -45.88 15.55 -11.33
CA HIS A 457 -46.42 14.38 -12.03
C HIS A 457 -47.68 13.85 -11.36
N ILE A 458 -47.69 13.83 -10.02
CA ILE A 458 -48.88 13.40 -9.29
C ILE A 458 -50.07 14.29 -9.63
N LEU A 459 -49.85 15.61 -9.68
CA LEU A 459 -50.93 16.52 -10.01
C LEU A 459 -51.49 16.28 -11.41
N ALA A 460 -50.71 15.64 -12.29
CA ALA A 460 -51.17 15.37 -13.65
C ALA A 460 -52.25 14.29 -13.69
N HIS A 461 -52.36 13.46 -12.66
CA HIS A 461 -53.41 12.45 -12.61
C HIS A 461 -54.77 13.14 -12.51
N PRO A 462 -55.78 12.67 -13.25
CA PRO A 462 -57.06 13.39 -13.28
C PRO A 462 -57.82 13.36 -11.96
N ALA A 463 -57.55 12.40 -11.08
CA ALA A 463 -58.29 12.28 -9.83
C ALA A 463 -57.71 13.13 -8.70
N VAL A 464 -56.57 13.78 -8.92
CA VAL A 464 -55.84 14.48 -7.87
C VAL A 464 -56.17 15.96 -7.90
N HIS A 465 -56.42 16.53 -6.72
CA HIS A 465 -56.67 17.95 -6.53
C HIS A 465 -55.44 18.71 -6.04
N ASP A 466 -54.64 18.09 -5.17
CA ASP A 466 -53.40 18.69 -4.70
C ASP A 466 -52.52 17.58 -4.11
N ALA A 467 -51.22 17.85 -4.02
CA ALA A 467 -50.28 16.87 -3.50
C ALA A 467 -49.09 17.58 -2.84
N ALA A 468 -48.52 16.93 -1.83
CA ALA A 468 -47.32 17.40 -1.16
C ALA A 468 -46.43 16.21 -0.85
N VAL A 469 -45.19 16.23 -1.34
CA VAL A 469 -44.27 15.10 -1.21
C VAL A 469 -43.17 15.50 -0.22
N VAL A 470 -42.93 14.65 0.77
CA VAL A 470 -42.01 14.93 1.86
C VAL A 470 -41.18 13.69 2.17
N GLY A 471 -40.08 13.91 2.90
CA GLY A 471 -39.26 12.82 3.38
C GLY A 471 -39.72 12.37 4.75
N MET A 472 -39.83 11.06 4.93
CA MET A 472 -40.15 10.47 6.23
C MET A 472 -38.90 9.76 6.76
N SER A 473 -38.51 10.11 7.99
CA SER A 473 -37.30 9.56 8.56
C SER A 473 -37.30 8.04 8.49
N ASP A 474 -36.11 7.48 8.23
CA ASP A 474 -35.95 6.04 8.09
C ASP A 474 -34.57 5.63 8.60
N PRO A 475 -34.48 4.62 9.46
CA PRO A 475 -33.19 4.28 10.08
C PRO A 475 -32.18 3.73 9.10
N TYR A 476 -32.62 3.21 7.95
CA TYR A 476 -31.69 2.64 6.98
C TYR A 476 -31.39 3.52 5.77
N LEU A 477 -32.40 4.23 5.29
CA LEU A 477 -32.26 5.10 4.12
C LEU A 477 -32.18 6.57 4.48
N GLY A 478 -32.28 6.92 5.75
CA GLY A 478 -32.37 8.33 6.14
C GLY A 478 -33.74 8.93 5.91
N GLU A 479 -34.26 8.83 4.69
CA GLU A 479 -35.62 9.25 4.39
C GLU A 479 -36.23 8.28 3.38
N ARG A 480 -37.54 8.10 3.49
CA ARG A 480 -38.35 7.52 2.43
C ARG A 480 -39.24 8.62 1.86
N VAL A 481 -39.80 8.35 0.68
CA VAL A 481 -40.59 9.35 -0.04
C VAL A 481 -42.06 9.12 0.28
N CYS A 482 -42.70 10.09 0.94
CA CYS A 482 -44.11 10.02 1.28
C CYS A 482 -44.89 11.11 0.54
N ALA A 483 -46.00 10.71 -0.09
CA ALA A 483 -46.84 11.64 -0.83
C ALA A 483 -48.19 11.79 -0.13
N TYR A 484 -48.51 13.02 0.28
CA TYR A 484 -49.85 13.38 0.72
C TYR A 484 -50.67 13.83 -0.48
N VAL A 485 -51.84 13.22 -0.68
CA VAL A 485 -52.64 13.43 -1.88
C VAL A 485 -54.08 13.78 -1.47
N ILE A 486 -54.60 14.88 -2.03
CA ILE A 486 -55.98 15.29 -1.83
C ILE A 486 -56.73 15.04 -3.12
N ALA A 487 -57.71 14.15 -3.07
CA ALA A 487 -58.47 13.80 -4.25
C ALA A 487 -59.53 14.86 -4.55
N ARG A 488 -59.96 14.90 -5.81
CA ARG A 488 -61.07 15.76 -6.18
C ARG A 488 -62.37 15.27 -5.55
N THR A 489 -62.69 13.99 -5.77
CA THR A 489 -63.81 13.33 -5.09
C THR A 489 -63.35 12.01 -4.51
N GLU A 490 -63.61 10.91 -5.23
CA GLU A 490 -63.05 9.63 -4.82
C GLU A 490 -61.55 9.60 -5.15
N PRO A 491 -60.71 9.11 -4.24
CA PRO A 491 -59.28 9.03 -4.53
C PRO A 491 -58.99 7.86 -5.46
N PRO A 492 -57.91 7.95 -6.23
CA PRO A 492 -57.52 6.82 -7.07
C PRO A 492 -56.96 5.69 -6.22
N SER A 493 -56.67 4.58 -6.89
CA SER A 493 -55.98 3.47 -6.23
C SER A 493 -54.53 3.84 -5.98
N ARG A 494 -54.06 3.62 -4.75
CA ARG A 494 -52.64 3.79 -4.48
C ARG A 494 -51.81 3.03 -5.51
N SER A 495 -52.17 1.77 -5.76
CA SER A 495 -51.53 1.01 -6.82
C SER A 495 -51.66 1.72 -8.17
N GLU A 496 -52.83 2.29 -8.42
CA GLU A 496 -53.10 2.99 -9.67
C GLU A 496 -52.24 4.25 -9.81
N LEU A 497 -52.16 5.03 -8.74
CA LEU A 497 -51.37 6.26 -8.77
C LEU A 497 -49.90 5.96 -9.04
N LEU A 498 -49.36 4.96 -8.34
CA LEU A 498 -47.96 4.60 -8.57
C LEU A 498 -47.74 4.10 -9.99
N ARG A 499 -48.70 3.34 -10.53
CA ARG A 499 -48.61 2.91 -11.92
C ARG A 499 -48.59 4.11 -12.87
N PHE A 500 -49.46 5.09 -12.62
CA PHE A 500 -49.49 6.28 -13.46
C PHE A 500 -48.15 7.01 -13.42
N LEU A 501 -47.47 6.98 -12.28
CA LEU A 501 -46.16 7.63 -12.21
C LEU A 501 -45.10 6.86 -12.99
N ARG A 502 -45.18 5.53 -13.00
CA ARG A 502 -44.23 4.77 -13.82
C ARG A 502 -44.45 5.02 -15.30
N GLU A 503 -45.72 5.15 -15.70
CA GLU A 503 -46.06 5.41 -17.09
C GLU A 503 -45.56 6.78 -17.53
N ARG A 504 -45.36 7.66 -16.55
CA ARG A 504 -44.89 9.01 -16.83
C ARG A 504 -43.40 9.02 -17.14
N GLY A 505 -42.70 7.99 -16.67
CA GLY A 505 -41.28 7.88 -16.89
C GLY A 505 -40.39 8.31 -15.74
N LEU A 506 -40.92 8.42 -14.52
CA LEU A 506 -40.12 8.83 -13.39
C LEU A 506 -39.08 7.76 -13.06
N ALA A 507 -37.90 8.21 -12.63
CA ALA A 507 -36.88 7.26 -12.20
C ALA A 507 -37.44 6.37 -11.09
N SER A 508 -36.96 5.13 -11.07
CA SER A 508 -37.46 4.12 -10.14
C SER A 508 -37.45 4.62 -8.69
N TYR A 509 -36.37 5.28 -8.26
CA TYR A 509 -36.24 5.69 -6.86
C TYR A 509 -37.08 6.90 -6.51
N LYS A 510 -37.74 7.55 -7.48
CA LYS A 510 -38.58 8.71 -7.22
C LYS A 510 -40.03 8.34 -6.96
N ILE A 511 -40.43 7.11 -7.22
CA ILE A 511 -41.80 6.65 -6.91
C ILE A 511 -41.97 6.62 -5.39
N PRO A 512 -43.02 7.22 -4.84
CA PRO A 512 -43.13 7.31 -3.37
C PRO A 512 -43.23 5.94 -2.71
N ASP A 513 -42.61 5.83 -1.53
CA ASP A 513 -42.73 4.63 -0.71
C ASP A 513 -44.07 4.55 -0.01
N ARG A 514 -44.70 5.70 0.25
CA ARG A 514 -45.92 5.78 1.03
C ARG A 514 -46.84 6.80 0.36
N VAL A 515 -48.11 6.45 0.22
CA VAL A 515 -49.12 7.38 -0.29
C VAL A 515 -50.20 7.52 0.77
N GLU A 516 -50.46 8.75 1.18
CA GLU A 516 -51.50 9.04 2.17
C GLU A 516 -52.53 9.95 1.52
N PHE A 517 -53.73 9.42 1.28
CA PHE A 517 -54.83 10.23 0.77
C PHE A 517 -55.52 10.93 1.94
N VAL A 518 -55.68 12.26 1.82
CA VAL A 518 -56.26 13.08 2.87
C VAL A 518 -57.26 14.04 2.26
N ASP A 519 -58.23 14.48 3.08
CA ASP A 519 -59.15 15.52 2.63
C ASP A 519 -58.50 16.90 2.70
N ARG A 520 -57.52 17.07 3.58
CA ARG A 520 -56.78 18.30 3.76
C ARG A 520 -55.40 17.94 4.31
N PHE A 521 -54.42 18.79 4.02
CA PHE A 521 -53.09 18.55 4.59
C PHE A 521 -53.17 18.73 6.10
N PRO A 522 -52.62 17.78 6.89
CA PRO A 522 -52.72 17.83 8.36
C PRO A 522 -51.74 18.83 8.99
N VAL A 523 -51.80 20.08 8.55
CA VAL A 523 -50.96 21.15 9.07
C VAL A 523 -51.80 22.39 9.27
N THR A 524 -51.44 23.19 10.27
CA THR A 524 -52.16 24.43 10.55
C THR A 524 -51.65 25.56 9.67
N GLY A 525 -52.57 26.37 9.16
CA GLY A 525 -52.23 27.51 8.33
C GLY A 525 -51.85 27.17 6.90
N VAL A 526 -52.55 26.19 6.32
CA VAL A 526 -52.28 25.75 4.92
C VAL A 526 -52.60 26.91 3.97
N LYS A 528 -51.73 29.77 4.17
CA LYS A 528 -51.08 30.98 4.77
C LYS A 528 -49.57 30.74 4.88
N ILE A 529 -49.10 29.60 4.38
CA ILE A 529 -47.65 29.25 4.42
C ILE A 529 -47.20 28.77 3.03
N SER A 530 -45.93 28.99 2.69
CA SER A 530 -45.39 28.58 1.40
C SER A 530 -45.39 27.05 1.28
N ARG A 531 -45.25 26.57 0.05
CA ARG A 531 -45.19 25.12 -0.15
C ARG A 531 -43.95 24.52 0.48
N SER A 532 -42.84 25.27 0.52
CA SER A 532 -41.66 24.76 1.21
C SER A 532 -41.92 24.59 2.70
N GLU A 533 -42.53 25.60 3.32
CA GLU A 533 -42.90 25.48 4.73
C GLU A 533 -43.94 24.38 4.94
N LEU A 534 -44.83 24.18 3.96
CA LEU A 534 -45.79 23.10 4.06
C LEU A 534 -45.09 21.75 4.14
N ARG A 535 -44.09 21.52 3.29
CA ARG A 535 -43.38 20.25 3.32
C ARG A 535 -42.64 20.05 4.64
N ARG A 536 -42.07 21.14 5.14
CA ARG A 536 -41.32 21.09 6.40
C ARG A 536 -42.22 20.71 7.58
N GLU A 537 -43.45 21.19 7.57
CA GLU A 537 -44.40 20.89 8.64
C GLU A 537 -44.95 19.48 8.52
N LEU A 538 -45.16 19.00 7.29
CA LEU A 538 -45.61 17.63 7.08
C LEU A 538 -44.52 16.64 7.48
N ALA A 539 -43.26 16.92 7.12
CA ALA A 539 -42.16 16.04 7.49
C ALA A 539 -41.98 15.96 9.00
N ARG A 540 -42.29 17.04 9.72
CA ARG A 540 -42.16 17.02 11.17
C ARG A 540 -43.15 16.07 11.81
N ARG A 541 -44.35 15.95 11.23
CA ARG A 541 -45.31 14.96 11.70
C ARG A 541 -44.78 13.55 11.53
N LEU A 542 -43.95 13.31 10.51
CA LEU A 542 -43.38 12.01 10.24
C LEU A 542 -42.00 11.83 10.85
N ASP A 543 -41.57 12.77 11.68
CA ASP A 543 -40.30 12.65 12.40
C ASP A 543 -40.52 12.82 13.90
N GLY B 7 17.35 -12.77 30.60
CA GLY B 7 17.92 -11.47 30.27
C GLY B 7 17.34 -10.85 29.01
N CYS B 8 16.19 -11.34 28.60
CA CYS B 8 15.50 -10.89 27.41
C CYS B 8 14.28 -10.07 27.78
N THR B 9 13.74 -9.34 26.80
CA THR B 9 12.56 -8.53 27.00
C THR B 9 11.40 -9.11 26.21
N PRO B 10 10.33 -9.53 26.87
CA PRO B 10 9.22 -10.16 26.15
C PRO B 10 8.30 -9.12 25.52
N TRP B 11 7.50 -9.59 24.56
CA TRP B 11 6.38 -8.80 24.07
C TRP B 11 5.29 -8.74 25.15
N PRO B 12 4.52 -7.66 25.19
CA PRO B 12 3.38 -7.61 26.10
C PRO B 12 2.37 -8.71 25.80
N ALA B 13 1.67 -9.15 26.85
CA ALA B 13 0.73 -10.26 26.70
C ALA B 13 -0.32 -9.98 25.63
N GLU B 14 -0.84 -8.76 25.58
CA GLU B 14 -1.93 -8.46 24.65
C GLU B 14 -1.44 -8.42 23.20
N PHE B 15 -0.17 -8.09 22.99
CA PHE B 15 0.40 -8.18 21.64
C PHE B 15 0.65 -9.64 21.24
N ALA B 16 1.17 -10.44 22.17
CA ALA B 16 1.41 -11.85 21.88
C ALA B 16 0.12 -12.58 21.53
N VAL B 17 -0.97 -12.26 22.24
CA VAL B 17 -2.27 -12.85 21.92
C VAL B 17 -2.68 -12.48 20.50
N ARG B 18 -2.51 -11.20 20.14
CA ARG B 18 -2.92 -10.76 18.82
C ARG B 18 -2.11 -11.45 17.73
N TYR B 19 -0.81 -11.65 17.98
CA TYR B 19 0.09 -12.21 16.98
C TYR B 19 -0.16 -13.70 16.78
N ARG B 20 -0.48 -14.43 17.85
CA ARG B 20 -0.84 -15.84 17.70
C ARG B 20 -2.20 -15.98 17.04
N GLU B 21 -3.17 -15.14 17.44
CA GLU B 21 -4.51 -15.20 16.87
C GLU B 21 -4.51 -14.82 15.39
N ALA B 22 -3.63 -13.89 14.98
CA ALA B 22 -3.51 -13.53 13.57
C ALA B 22 -2.82 -14.59 12.74
N GLY B 23 -2.28 -15.65 13.36
CA GLY B 23 -1.55 -16.66 12.63
C GLY B 23 -0.08 -16.35 12.40
N TYR B 24 0.43 -15.25 12.95
CA TYR B 24 1.84 -14.94 12.78
C TYR B 24 2.70 -15.89 13.59
N TRP B 25 2.40 -16.02 14.88
CA TRP B 25 3.16 -16.87 15.79
C TRP B 25 2.48 -18.24 15.86
N THR B 26 3.09 -19.25 15.25
CA THR B 26 2.41 -20.53 15.10
C THR B 26 2.75 -21.55 16.19
N GLY B 27 3.83 -21.36 16.93
CA GLY B 27 4.26 -22.33 17.92
C GLY B 27 5.32 -23.31 17.45
N GLU B 28 5.64 -23.33 16.15
CA GLU B 28 6.68 -24.21 15.66
C GLU B 28 8.04 -23.73 16.16
N THR B 29 8.88 -24.66 16.59
CA THR B 29 10.24 -24.32 16.98
C THR B 29 11.19 -24.70 15.83
N PHE B 30 12.45 -24.25 15.94
CA PHE B 30 13.40 -24.71 14.94
C PHE B 30 13.73 -26.19 15.09
N SER B 31 13.60 -26.73 16.30
CA SER B 31 13.64 -28.19 16.47
C SER B 31 12.60 -28.87 15.59
N ASP B 32 11.34 -28.42 15.67
CA ASP B 32 10.28 -28.97 14.81
C ASP B 32 10.62 -28.75 13.33
N PHE B 33 11.15 -27.56 13.00
CA PHE B 33 11.42 -27.17 11.62
C PHE B 33 12.41 -28.11 10.95
N VAL B 34 13.52 -28.40 11.63
CA VAL B 34 14.56 -29.26 11.06
C VAL B 34 13.96 -30.60 10.65
N THR B 35 13.18 -31.21 11.55
CA THR B 35 12.65 -32.55 11.28
C THR B 35 11.53 -32.51 10.25
N ASP B 36 10.64 -31.51 10.33
CA ASP B 36 9.51 -31.47 9.42
C ASP B 36 9.96 -31.23 7.99
N ARG B 37 10.83 -30.23 7.76
CA ARG B 37 11.20 -29.91 6.39
C ARG B 37 12.09 -31.00 5.79
N THR B 38 13.01 -31.56 6.57
CA THR B 38 13.86 -32.62 6.01
C THR B 38 13.05 -33.89 5.74
N ARG B 39 11.97 -34.15 6.49
CA ARG B 39 11.09 -35.26 6.14
C ARG B 39 10.27 -34.93 4.89
N ARG B 40 9.71 -33.71 4.85
CA ARG B 40 8.79 -33.34 3.79
C ARG B 40 9.46 -33.36 2.43
N PHE B 41 10.66 -32.81 2.33
CA PHE B 41 11.35 -32.63 1.05
C PHE B 41 12.55 -33.58 0.91
N ALA B 42 12.44 -34.76 1.54
CA ALA B 42 13.58 -35.65 1.74
C ALA B 42 14.42 -35.87 0.48
N ASP B 43 13.76 -36.09 -0.66
CA ASP B 43 14.46 -36.51 -1.86
C ASP B 43 15.06 -35.35 -2.67
N ARG B 44 14.67 -34.12 -2.37
CA ARG B 44 15.16 -32.96 -3.11
C ARG B 44 16.54 -32.54 -2.61
N LEU B 45 17.27 -31.86 -3.50
CA LEU B 45 18.58 -31.32 -3.17
C LEU B 45 18.43 -30.06 -2.32
N ALA B 46 19.08 -30.05 -1.16
CA ALA B 46 18.99 -28.97 -0.19
C ALA B 46 20.22 -28.07 -0.13
N VAL B 47 21.43 -28.63 -0.23
CA VAL B 47 22.65 -27.86 -0.05
C VAL B 47 23.66 -28.23 -1.13
N VAL B 48 24.20 -27.22 -1.80
CA VAL B 48 25.28 -27.38 -2.76
C VAL B 48 26.40 -26.45 -2.33
N GLY B 49 27.58 -27.01 -2.08
CA GLY B 49 28.72 -26.20 -1.71
C GLY B 49 29.97 -27.02 -1.49
N ALA B 50 31.13 -26.46 -1.86
CA ALA B 50 32.43 -27.06 -1.54
C ALA B 50 32.53 -28.49 -2.05
N GLY B 51 31.90 -28.77 -3.18
CA GLY B 51 31.88 -30.11 -3.73
C GLY B 51 30.81 -31.01 -3.14
N GLN B 52 30.07 -30.55 -2.14
CA GLN B 52 29.01 -31.34 -1.53
C GLN B 52 27.68 -31.06 -2.21
N ARG B 53 26.86 -32.10 -2.34
CA ARG B 53 25.47 -31.99 -2.80
C ARG B 53 24.64 -32.84 -1.85
N TRP B 54 23.94 -32.19 -0.93
CA TRP B 54 23.18 -32.87 0.11
C TRP B 54 21.69 -32.77 -0.19
N THR B 55 21.00 -33.90 -0.19
CA THR B 55 19.55 -33.90 -0.19
C THR B 55 19.04 -33.46 1.19
N TYR B 56 17.74 -33.20 1.27
CA TYR B 56 17.12 -32.86 2.56
C TYR B 56 17.33 -34.00 3.55
N ALA B 57 17.22 -35.25 3.08
CA ALA B 57 17.42 -36.40 3.95
C ALA B 57 18.84 -36.41 4.52
N GLU B 58 19.85 -36.19 3.66
CA GLU B 58 21.22 -36.20 4.17
C GLU B 58 21.45 -35.07 5.17
N LEU B 59 20.97 -33.86 4.87
CA LEU B 59 21.09 -32.77 5.84
C LEU B 59 20.39 -33.12 7.15
N GLY B 60 19.24 -33.79 7.07
CA GLY B 60 18.57 -34.23 8.28
C GLY B 60 19.37 -35.25 9.05
N GLU B 61 19.95 -36.25 8.36
CA GLU B 61 20.70 -37.28 9.06
C GLU B 61 22.01 -36.72 9.62
N ARG B 62 22.75 -35.97 8.79
CA ARG B 62 23.99 -35.34 9.26
C ARG B 62 23.76 -34.49 10.50
N SER B 63 22.72 -33.65 10.50
CA SER B 63 22.50 -32.81 11.66
C SER B 63 22.16 -33.64 12.90
N ALA B 64 21.54 -34.81 12.71
CA ALA B 64 21.18 -35.65 13.85
C ALA B 64 22.41 -36.29 14.48
N VAL B 65 23.29 -36.86 13.67
CA VAL B 65 24.49 -37.49 14.23
C VAL B 65 25.45 -36.43 14.77
N LEU B 66 25.43 -35.21 14.22
CA LEU B 66 26.29 -34.16 14.76
C LEU B 66 25.74 -33.61 16.06
N ALA B 67 24.42 -33.44 16.15
CA ALA B 67 23.82 -33.06 17.43
C ALA B 67 24.15 -34.08 18.51
N THR B 68 24.10 -35.37 18.15
CA THR B 68 24.47 -36.42 19.09
C THR B 68 25.90 -36.26 19.58
N GLY B 69 26.84 -36.01 18.66
CA GLY B 69 28.22 -35.84 19.05
C GLY B 69 28.44 -34.58 19.88
N LEU B 70 27.73 -33.49 19.54
CA LEU B 70 27.87 -32.26 20.30
C LEU B 70 27.33 -32.41 21.71
N ALA B 71 26.23 -33.14 21.88
CA ALA B 71 25.68 -33.40 23.21
C ALA B 71 26.69 -34.16 24.07
N ARG B 72 27.29 -35.21 23.52
CA ARG B 72 28.28 -35.98 24.27
C ARG B 72 29.50 -35.14 24.60
N LEU B 73 29.82 -34.15 23.76
CA LEU B 73 30.92 -33.24 24.08
C LEU B 73 30.60 -32.39 25.31
N GLY B 74 29.33 -32.04 25.52
CA GLY B 74 28.93 -31.25 26.67
C GLY B 74 27.94 -30.15 26.36
N ILE B 75 27.50 -30.05 25.11
CA ILE B 75 26.53 -29.02 24.72
C ILE B 75 25.14 -29.46 25.15
N ALA B 76 24.49 -28.65 25.97
CA ALA B 76 23.16 -28.94 26.48
C ALA B 76 22.15 -27.92 25.99
N ALA B 77 20.88 -28.27 26.11
CA ALA B 77 19.82 -27.33 25.79
C ALA B 77 20.00 -26.05 26.59
N GLY B 78 19.78 -24.91 25.93
CA GLY B 78 19.98 -23.62 26.54
C GLY B 78 21.39 -23.08 26.45
N ASP B 79 22.39 -23.93 26.23
CA ASP B 79 23.76 -23.45 26.09
C ASP B 79 23.88 -22.58 24.85
N ARG B 80 24.78 -21.60 24.92
CA ARG B 80 25.08 -20.74 23.79
C ARG B 80 26.38 -21.19 23.12
N VAL B 81 26.39 -21.19 21.79
CA VAL B 81 27.52 -21.64 21.00
C VAL B 81 27.80 -20.60 19.92
N VAL B 82 28.96 -19.96 20.00
CA VAL B 82 29.34 -18.97 18.98
C VAL B 82 29.71 -19.71 17.70
N VAL B 83 28.99 -19.41 16.62
CA VAL B 83 29.25 -20.00 15.31
C VAL B 83 29.83 -18.92 14.42
N GLN B 84 31.09 -19.11 13.99
CA GLN B 84 31.80 -18.18 13.09
C GLN B 84 32.33 -18.99 11.91
N LEU B 85 31.44 -19.34 10.99
CA LEU B 85 31.82 -20.19 9.87
C LEU B 85 31.62 -19.48 8.55
N PRO B 86 32.42 -19.79 7.54
CA PRO B 86 32.22 -19.20 6.21
C PRO B 86 31.09 -19.89 5.47
N ASN B 87 30.89 -19.55 4.19
CA ASN B 87 29.78 -20.13 3.41
C ASN B 87 30.16 -21.53 2.94
N ILE B 88 30.16 -22.46 3.89
CA ILE B 88 30.46 -23.86 3.61
C ILE B 88 29.31 -24.73 4.11
N PRO B 89 29.13 -25.92 3.53
CA PRO B 89 28.00 -26.76 3.93
C PRO B 89 27.96 -27.08 5.42
N GLU B 90 29.12 -27.18 6.07
CA GLU B 90 29.14 -27.47 7.51
C GLU B 90 28.37 -26.44 8.32
N LEU B 91 28.21 -25.22 7.80
CA LEU B 91 27.45 -24.19 8.49
C LEU B 91 26.02 -24.65 8.78
N PHE B 92 25.37 -25.23 7.78
CA PHE B 92 24.00 -25.71 7.98
C PHE B 92 23.97 -26.98 8.80
N GLU B 93 24.97 -27.85 8.64
CA GLU B 93 25.08 -29.04 9.48
C GLU B 93 25.13 -28.66 10.95
N VAL B 94 25.96 -27.66 11.29
CA VAL B 94 26.12 -27.23 12.68
C VAL B 94 24.86 -26.55 13.19
N VAL B 95 24.30 -25.63 12.39
CA VAL B 95 23.15 -24.86 12.85
C VAL B 95 21.97 -25.79 13.11
N PHE B 96 21.68 -26.68 12.16
CA PHE B 96 20.59 -27.64 12.36
C PHE B 96 20.84 -28.52 13.57
N ALA B 97 22.09 -28.97 13.76
CA ALA B 97 22.41 -29.78 14.93
C ALA B 97 22.10 -29.03 16.22
N LEU B 98 22.48 -27.75 16.28
CA LEU B 98 22.24 -26.98 17.50
C LEU B 98 20.74 -26.81 17.75
N PHE B 99 19.96 -26.60 16.69
CA PHE B 99 18.51 -26.51 16.85
C PHE B 99 17.93 -27.80 17.43
N ARG B 100 18.47 -28.95 17.01
CA ARG B 100 17.98 -30.22 17.55
C ARG B 100 18.22 -30.35 19.05
N LEU B 101 19.32 -29.78 19.54
CA LEU B 101 19.68 -29.86 20.94
C LEU B 101 18.97 -28.84 21.81
N GLY B 102 18.26 -27.88 21.21
CA GLY B 102 17.76 -26.77 22.00
C GLY B 102 18.83 -25.82 22.46
N ALA B 103 20.00 -25.86 21.80
CA ALA B 103 21.07 -24.91 22.04
C ALA B 103 20.84 -23.65 21.21
N LEU B 104 21.50 -22.56 21.61
CA LEU B 104 21.32 -21.28 20.94
C LEU B 104 22.56 -20.91 20.16
N PRO B 105 22.52 -20.87 18.83
CA PRO B 105 23.63 -20.29 18.08
C PRO B 105 23.77 -18.81 18.41
N VAL B 106 25.01 -18.34 18.39
CA VAL B 106 25.34 -16.92 18.51
C VAL B 106 26.20 -16.59 17.29
N TYR B 107 25.63 -15.83 16.37
CA TYR B 107 26.17 -15.73 15.01
C TYR B 107 27.25 -14.65 14.93
N ALA B 108 28.45 -15.05 14.53
CA ALA B 108 29.53 -14.13 14.20
C ALA B 108 29.89 -14.28 12.73
N LEU B 109 30.36 -13.18 12.14
CA LEU B 109 30.68 -13.16 10.71
C LEU B 109 32.15 -13.49 10.49
N PRO B 110 32.51 -14.00 9.30
CA PRO B 110 33.91 -14.36 9.08
C PRO B 110 34.88 -13.21 9.25
N ALA B 111 34.45 -11.96 9.04
CA ALA B 111 35.34 -10.81 9.18
C ALA B 111 35.60 -10.42 10.62
N HIS B 112 34.77 -10.89 11.55
CA HIS B 112 34.99 -10.55 12.96
C HIS B 112 36.29 -11.14 13.45
N ARG B 113 36.91 -10.45 14.41
CA ARG B 113 38.22 -10.85 14.91
C ARG B 113 38.21 -10.93 16.44
N ALA B 114 39.40 -11.07 17.04
CA ALA B 114 39.50 -11.36 18.46
C ALA B 114 38.68 -10.39 19.31
N HIS B 115 38.57 -9.14 18.88
CA HIS B 115 37.83 -8.15 19.66
C HIS B 115 36.35 -8.47 19.70
N GLU B 116 35.74 -8.71 18.53
CA GLU B 116 34.31 -8.98 18.48
C GLU B 116 33.98 -10.37 19.02
N ILE B 117 34.82 -11.36 18.72
CA ILE B 117 34.55 -12.72 19.18
C ILE B 117 34.66 -12.80 20.69
N THR B 118 35.62 -12.08 21.28
CA THR B 118 35.72 -12.03 22.74
C THR B 118 34.46 -11.44 23.36
N HIS B 119 33.91 -10.39 22.74
CA HIS B 119 32.67 -9.80 23.25
C HIS B 119 31.52 -10.80 23.18
N LEU B 120 31.41 -11.55 22.07
CA LEU B 120 30.33 -12.52 21.92
C LEU B 120 30.45 -13.64 22.95
N CYS B 121 31.64 -14.22 23.09
CA CYS B 121 31.83 -15.36 23.97
C CYS B 121 31.53 -14.99 25.42
N THR B 122 32.00 -13.82 25.87
CA THR B 122 31.81 -13.45 27.27
C THR B 122 30.38 -12.99 27.52
N THR B 123 29.83 -12.15 26.64
CA THR B 123 28.49 -11.61 26.85
C THR B 123 27.43 -12.72 26.89
N ALA B 124 27.49 -13.64 25.93
CA ALA B 124 26.56 -14.75 25.90
C ALA B 124 27.00 -15.92 26.77
N GLN B 125 28.18 -15.83 27.40
CA GLN B 125 28.70 -16.90 28.23
C GLN B 125 28.74 -18.22 27.47
N ALA B 126 29.35 -18.17 26.28
CA ALA B 126 29.29 -19.28 25.35
C ALA B 126 29.90 -20.56 25.94
N LYS B 127 29.32 -21.69 25.56
CA LYS B 127 29.80 -22.98 25.98
C LYS B 127 30.81 -23.52 24.97
N ALA B 128 30.78 -23.00 23.75
CA ALA B 128 31.70 -23.44 22.72
C ALA B 128 31.82 -22.37 21.65
N LEU B 129 32.81 -22.56 20.78
CA LEU B 129 33.10 -21.67 19.67
C LEU B 129 33.48 -22.53 18.49
N ILE B 130 32.79 -22.38 17.37
CA ILE B 130 32.98 -23.23 16.21
C ILE B 130 33.53 -22.37 15.08
N ILE B 131 34.69 -22.75 14.55
CA ILE B 131 35.45 -21.93 13.61
C ILE B 131 36.01 -22.82 12.50
N PRO B 132 36.42 -22.22 11.40
CA PRO B 132 37.23 -22.96 10.42
C PRO B 132 38.70 -22.88 10.80
N ASP B 133 39.50 -23.70 10.14
CA ASP B 133 40.94 -23.59 10.33
C ASP B 133 41.48 -22.29 9.74
N ARG B 134 41.19 -22.05 8.47
CA ARG B 134 41.64 -20.85 7.78
C ARG B 134 40.57 -20.44 6.76
N HIS B 135 40.43 -19.13 6.56
CA HIS B 135 39.50 -18.65 5.55
C HIS B 135 39.89 -17.24 5.14
N ALA B 136 40.00 -17.00 3.84
CA ALA B 136 40.29 -15.68 3.28
C ALA B 136 41.59 -15.10 3.85
N GLY B 137 42.57 -15.97 4.06
CA GLY B 137 43.88 -15.55 4.52
C GLY B 137 44.02 -15.36 6.00
N PHE B 138 43.05 -15.80 6.80
CA PHE B 138 43.10 -15.67 8.25
C PHE B 138 43.07 -17.06 8.89
N ASP B 139 43.86 -17.23 9.95
CA ASP B 139 43.89 -18.47 10.72
C ASP B 139 43.10 -18.24 12.00
N TYR B 140 41.89 -18.81 12.07
CA TYR B 140 41.06 -18.64 13.25
C TYR B 140 41.58 -19.43 14.44
N ARG B 141 42.38 -20.48 14.20
CA ARG B 141 42.94 -21.22 15.32
C ARG B 141 43.91 -20.36 16.12
N THR B 142 44.68 -19.50 15.46
CA THR B 142 45.55 -18.57 16.17
C THR B 142 44.74 -17.60 17.04
N MET B 143 43.62 -17.10 16.51
CA MET B 143 42.74 -16.25 17.29
C MET B 143 42.19 -17.02 18.50
N ALA B 144 41.73 -18.25 18.28
CA ALA B 144 41.18 -19.04 19.38
C ALA B 144 42.22 -19.28 20.45
N ALA B 145 43.49 -19.47 20.06
CA ALA B 145 44.55 -19.63 21.04
C ALA B 145 44.84 -18.33 21.77
N GLN B 146 44.70 -17.19 21.09
CA GLN B 146 44.86 -15.90 21.74
C GLN B 146 43.80 -15.68 22.81
N LEU B 147 42.56 -16.15 22.57
CA LEU B 147 41.52 -16.05 23.57
C LEU B 147 41.73 -17.08 24.69
N ARG B 148 42.11 -18.29 24.31
CA ARG B 148 42.41 -19.33 25.28
C ARG B 148 43.48 -18.88 26.26
N HIS B 149 44.51 -18.18 25.75
CA HIS B 149 45.54 -17.62 26.62
C HIS B 149 44.96 -16.59 27.58
N ALA B 150 44.12 -15.68 27.07
CA ALA B 150 43.50 -14.66 27.91
C ALA B 150 42.38 -15.21 28.79
N GLY B 151 42.12 -16.51 28.73
CA GLY B 151 41.02 -17.09 29.50
C GLY B 151 39.64 -16.65 29.05
N THR B 152 39.49 -16.19 27.82
CA THR B 152 38.22 -15.73 27.30
C THR B 152 37.58 -16.72 26.32
N ALA B 153 38.31 -17.72 25.88
CA ALA B 153 37.75 -18.67 24.95
C ALA B 153 36.76 -19.57 25.67
N PRO B 154 35.63 -19.92 25.04
CA PRO B 154 34.67 -20.83 25.68
C PRO B 154 35.34 -22.14 26.07
N GLU B 155 34.59 -22.93 26.83
CA GLU B 155 35.07 -24.22 27.29
C GLU B 155 35.56 -25.07 26.14
N HIS B 156 34.79 -25.16 25.06
CA HIS B 156 35.08 -26.01 23.92
C HIS B 156 35.32 -25.17 22.67
N VAL B 157 36.35 -25.55 21.91
CA VAL B 157 36.67 -24.92 20.62
C VAL B 157 36.68 -26.02 19.56
N VAL B 158 35.76 -25.93 18.59
CA VAL B 158 35.62 -26.91 17.53
C VAL B 158 36.05 -26.27 16.21
N VAL B 159 36.88 -26.98 15.45
CA VAL B 159 37.47 -26.46 14.22
C VAL B 159 36.98 -27.30 13.04
N VAL B 160 36.57 -26.62 11.97
CA VAL B 160 36.19 -27.27 10.72
C VAL B 160 37.43 -27.29 9.81
N GLY B 161 38.01 -28.47 9.62
CA GLY B 161 39.21 -28.60 8.81
C GLY B 161 40.38 -29.22 9.54
N GLU B 162 41.54 -28.55 9.51
CA GLU B 162 42.70 -28.98 10.29
C GLU B 162 42.53 -28.51 11.73
N PRO B 163 42.32 -29.42 12.68
CA PRO B 163 41.97 -28.97 14.04
C PRO B 163 43.12 -28.32 14.78
N GLY B 164 44.36 -28.64 14.45
CA GLY B 164 45.47 -28.19 15.27
C GLY B 164 45.40 -28.86 16.63
N GLY B 165 45.26 -28.07 17.69
CA GLY B 165 45.16 -28.63 19.02
C GLY B 165 43.77 -28.51 19.63
N PHE B 166 42.76 -28.29 18.80
CA PHE B 166 41.38 -28.11 19.23
C PHE B 166 40.55 -29.34 18.84
N THR B 167 39.24 -29.24 19.06
CA THR B 167 38.36 -30.37 18.78
C THR B 167 37.99 -30.41 17.31
N PRO B 168 38.28 -31.49 16.59
CA PRO B 168 37.87 -31.59 15.19
C PRO B 168 36.38 -31.89 15.07
N LEU B 169 35.68 -31.13 14.20
CA LEU B 169 34.26 -31.36 14.00
C LEU B 169 33.98 -32.81 13.58
N ALA B 170 34.89 -33.40 12.79
CA ALA B 170 34.65 -34.73 12.25
C ALA B 170 34.43 -35.77 13.35
N GLU B 171 35.12 -35.62 14.48
CA GLU B 171 34.95 -36.58 15.56
C GLU B 171 33.62 -36.43 16.28
N LEU B 172 32.88 -35.36 16.02
CA LEU B 172 31.58 -35.11 16.61
C LEU B 172 30.43 -35.65 15.77
N ARG B 173 30.73 -36.28 14.63
CA ARG B 173 29.71 -36.96 13.83
C ARG B 173 29.56 -38.37 14.36
N ALA B 174 28.55 -38.59 15.21
CA ALA B 174 28.35 -39.89 15.81
C ALA B 174 28.02 -40.93 14.74
N ASP B 175 28.34 -42.19 15.06
CA ASP B 175 28.07 -43.29 14.13
C ASP B 175 26.58 -43.42 13.83
N ARG B 176 25.73 -43.13 14.80
CA ARG B 176 24.28 -43.10 14.61
C ARG B 176 23.68 -42.12 15.59
N PRO B 177 22.49 -41.60 15.32
CA PRO B 177 21.90 -40.60 16.20
C PRO B 177 21.39 -41.20 17.50
N ASP B 178 21.21 -40.33 18.48
CA ASP B 178 20.60 -40.67 19.77
C ASP B 178 19.54 -39.61 20.06
N PRO B 179 18.35 -39.75 19.49
CA PRO B 179 17.28 -38.76 19.72
C PRO B 179 16.97 -38.53 21.20
N GLY B 180 17.51 -39.34 22.11
CA GLY B 180 17.31 -39.10 23.53
C GLY B 180 18.00 -37.86 24.05
N VAL B 181 19.02 -37.36 23.35
CA VAL B 181 19.72 -36.15 23.77
C VAL B 181 19.14 -34.89 23.14
N PHE B 182 18.13 -35.02 22.29
CA PHE B 182 17.52 -33.85 21.67
C PHE B 182 16.50 -33.23 22.62
N THR B 183 16.28 -31.93 22.46
CA THR B 183 15.35 -31.19 23.30
C THR B 183 14.52 -30.26 22.43
N ARG B 184 13.21 -30.23 22.65
CA ARG B 184 12.35 -29.26 22.00
C ARG B 184 12.16 -28.07 22.91
N PRO B 185 12.56 -26.86 22.52
CA PRO B 185 12.37 -25.69 23.38
C PRO B 185 10.96 -25.14 23.30
N GLU B 186 10.72 -24.01 23.97
CA GLU B 186 9.47 -23.28 23.82
C GLU B 186 9.61 -22.26 22.69
N ALA B 187 8.61 -22.22 21.82
CA ALA B 187 8.63 -21.31 20.68
C ALA B 187 8.72 -19.85 21.09
N SER B 188 8.35 -19.52 22.33
CA SER B 188 8.51 -18.16 22.84
C SER B 188 9.90 -17.88 23.38
N ASP B 189 10.75 -18.91 23.51
CA ASP B 189 12.12 -18.73 23.94
C ASP B 189 12.97 -18.16 22.80
N ALA B 190 14.11 -17.57 23.17
CA ALA B 190 15.08 -17.15 22.19
C ALA B 190 15.68 -18.38 21.50
N ALA B 191 15.65 -18.38 20.17
CA ALA B 191 16.24 -19.47 19.40
C ALA B 191 17.72 -19.26 19.12
N PHE B 192 18.19 -18.01 19.15
CA PHE B 192 19.57 -17.70 18.86
C PHE B 192 19.79 -16.23 19.18
N LEU B 193 21.07 -15.82 19.19
CA LEU B 193 21.45 -14.42 19.35
C LEU B 193 22.27 -13.98 18.13
N GLN B 194 22.01 -12.77 17.66
CA GLN B 194 22.83 -12.18 16.61
C GLN B 194 23.27 -10.77 17.01
N LEU B 195 24.22 -10.22 16.26
CA LEU B 195 24.78 -8.92 16.60
C LEU B 195 24.07 -7.79 15.87
N SER B 196 23.89 -6.67 16.56
CA SER B 196 23.35 -5.47 15.94
C SER B 196 24.45 -4.76 15.16
N GLY B 197 24.01 -3.87 14.25
CA GLY B 197 24.97 -3.10 13.47
C GLY B 197 25.99 -2.39 14.34
N GLY B 198 25.52 -1.76 15.42
CA GLY B 198 26.42 -1.09 16.33
C GLY B 198 26.47 0.40 16.12
N THR B 199 26.38 1.15 17.22
CA THR B 199 26.46 2.61 17.14
C THR B 199 27.29 3.23 18.25
N THR B 200 27.59 2.51 19.33
CA THR B 200 28.38 3.05 20.43
C THR B 200 29.69 2.29 20.58
N GLY B 201 30.13 2.10 21.82
CA GLY B 201 31.43 1.46 22.03
C GLY B 201 31.45 -0.02 21.69
N LEU B 202 30.32 -0.69 21.89
CA LEU B 202 30.22 -2.14 21.68
C LEU B 202 28.89 -2.44 21.02
N PRO B 203 28.83 -3.48 20.21
CA PRO B 203 27.55 -3.88 19.61
C PRO B 203 26.71 -4.66 20.59
N LYS B 204 25.39 -4.50 20.47
CA LYS B 204 24.47 -5.18 21.36
C LYS B 204 24.02 -6.49 20.74
N LEU B 205 23.82 -7.50 21.59
CA LEU B 205 23.31 -8.78 21.12
C LEU B 205 21.79 -8.73 21.01
N ILE B 206 21.26 -9.42 20.02
CA ILE B 206 19.83 -9.41 19.68
C ILE B 206 19.25 -10.81 19.84
N PRO B 207 18.34 -11.03 20.78
CA PRO B 207 17.68 -12.35 20.86
C PRO B 207 16.45 -12.40 19.97
N ARG B 208 16.34 -13.46 19.15
CA ARG B 208 15.19 -13.68 18.31
C ARG B 208 14.55 -15.02 18.68
N THR B 209 13.23 -15.03 18.83
CA THR B 209 12.51 -16.21 19.27
C THR B 209 12.13 -17.07 18.07
N HIS B 210 11.81 -18.34 18.36
CA HIS B 210 11.32 -19.22 17.29
C HIS B 210 10.11 -18.61 16.61
N ASP B 211 9.13 -18.16 17.40
CA ASP B 211 7.87 -17.67 16.84
C ASP B 211 8.08 -16.42 16.00
N ASP B 212 8.85 -15.45 16.50
CA ASP B 212 8.93 -14.19 15.74
C ASP B 212 9.82 -14.36 14.51
N TYR B 213 10.92 -15.10 14.62
CA TYR B 213 11.81 -15.26 13.47
C TYR B 213 11.19 -16.14 12.40
N LEU B 214 10.64 -17.30 12.80
CA LEU B 214 9.97 -18.13 11.81
C LEU B 214 8.85 -17.39 11.10
N TYR B 215 8.15 -16.49 11.80
CA TYR B 215 7.12 -15.70 11.12
C TYR B 215 7.74 -14.88 9.99
N SER B 216 8.83 -14.18 10.30
CA SER B 216 9.49 -13.36 9.27
C SER B 216 9.97 -14.24 8.13
N VAL B 217 10.44 -15.45 8.43
CA VAL B 217 10.93 -16.36 7.40
C VAL B 217 9.79 -16.83 6.50
N ARG B 218 8.67 -17.24 7.10
CA ARG B 218 7.54 -17.72 6.32
C ARG B 218 6.97 -16.61 5.45
N ALA B 219 6.73 -15.44 6.04
CA ALA B 219 6.14 -14.34 5.28
C ALA B 219 7.06 -13.90 4.16
N SER B 220 8.37 -13.88 4.42
CA SER B 220 9.34 -13.51 3.39
C SER B 220 9.36 -14.51 2.25
N ALA B 221 9.29 -15.81 2.56
CA ALA B 221 9.24 -16.83 1.51
C ALA B 221 8.03 -16.64 0.61
N GLU B 222 6.90 -16.21 1.18
CA GLU B 222 5.71 -16.01 0.35
C GLU B 222 5.83 -14.75 -0.50
N ILE B 223 6.34 -13.67 0.09
CA ILE B 223 6.56 -12.43 -0.67
C ILE B 223 7.45 -12.67 -1.87
N CYS B 224 8.49 -13.49 -1.69
CA CYS B 224 9.48 -13.77 -2.74
C CYS B 224 9.14 -15.02 -3.58
N ALA B 225 7.93 -15.56 -3.44
CA ALA B 225 7.41 -16.64 -4.29
C ALA B 225 8.32 -17.86 -4.32
N LEU B 226 8.96 -18.17 -3.20
CA LEU B 226 9.79 -19.36 -3.13
C LEU B 226 8.96 -20.64 -3.21
N GLY B 227 9.63 -21.74 -3.54
CA GLY B 227 9.01 -23.05 -3.64
C GLY B 227 10.07 -24.11 -3.90
N THR B 228 9.60 -25.30 -4.28
CA THR B 228 10.54 -26.39 -4.52
C THR B 228 11.46 -26.13 -5.70
N ASP B 229 11.09 -25.20 -6.58
CA ASP B 229 11.90 -24.81 -7.72
C ASP B 229 12.93 -23.73 -7.38
N THR B 230 12.93 -23.21 -6.16
CA THR B 230 13.86 -22.16 -5.78
C THR B 230 15.30 -22.70 -5.71
N VAL B 231 16.22 -21.96 -6.33
CA VAL B 231 17.66 -22.16 -6.13
C VAL B 231 18.21 -20.83 -5.64
N TYR B 232 18.53 -20.78 -4.35
CA TYR B 232 18.98 -19.55 -3.69
C TYR B 232 20.49 -19.56 -3.57
N LEU B 233 21.15 -18.51 -4.08
CA LEU B 233 22.59 -18.36 -3.93
C LEU B 233 22.88 -17.52 -2.71
N ALA B 234 23.57 -18.10 -1.73
CA ALA B 234 24.08 -17.38 -0.58
C ALA B 234 25.37 -16.69 -0.99
N ALA B 235 25.24 -15.47 -1.51
CA ALA B 235 26.36 -14.66 -1.97
C ALA B 235 26.96 -13.82 -0.84
N LEU B 236 26.16 -13.46 0.16
CA LEU B 236 26.63 -12.76 1.36
C LEU B 236 26.93 -13.78 2.44
N PRO B 237 27.65 -13.36 3.51
CA PRO B 237 27.82 -14.26 4.67
C PRO B 237 26.49 -14.80 5.14
N ALA B 238 26.32 -16.13 5.10
CA ALA B 238 24.97 -16.70 5.17
C ALA B 238 24.27 -16.42 6.50
N VAL B 239 25.04 -16.25 7.58
CA VAL B 239 24.45 -16.09 8.91
C VAL B 239 24.06 -14.66 9.24
N HIS B 240 24.31 -13.71 8.33
CA HIS B 240 23.75 -12.38 8.52
C HIS B 240 22.25 -12.44 8.29
N ASN B 241 21.53 -11.54 8.99
CA ASN B 241 20.06 -11.54 8.98
C ASN B 241 19.51 -11.56 7.55
N PHE B 242 20.14 -10.82 6.63
CA PHE B 242 19.61 -10.64 5.27
C PHE B 242 19.64 -11.95 4.49
N PRO B 243 20.77 -12.63 4.32
CA PRO B 243 20.78 -13.91 3.61
C PRO B 243 20.36 -15.09 4.46
N MET B 244 20.10 -14.89 5.75
CA MET B 244 19.57 -15.94 6.61
C MET B 244 18.05 -16.01 6.58
N SER B 245 17.35 -14.86 6.50
CA SER B 245 15.90 -14.86 6.69
C SER B 245 15.08 -14.01 5.73
N SER B 246 15.67 -13.25 4.80
CA SER B 246 14.92 -12.24 4.04
C SER B 246 15.00 -12.43 2.52
N PRO B 247 14.58 -13.61 2.00
CA PRO B 247 14.08 -14.78 2.71
C PRO B 247 15.21 -15.73 3.15
N GLY B 248 16.37 -15.65 2.49
CA GLY B 248 17.57 -16.32 2.98
C GLY B 248 17.53 -17.84 2.84
N PHE B 249 18.50 -18.48 3.50
CA PHE B 249 18.55 -19.93 3.45
C PHE B 249 17.42 -20.57 4.26
N LEU B 250 16.97 -19.91 5.33
CA LEU B 250 15.86 -20.46 6.10
C LEU B 250 14.56 -20.41 5.31
N GLY B 251 14.30 -19.33 4.59
CA GLY B 251 13.14 -19.28 3.72
C GLY B 251 13.19 -20.30 2.61
N THR B 252 14.39 -20.53 2.06
CA THR B 252 14.54 -21.55 1.03
C THR B 252 14.26 -22.94 1.59
N PHE B 253 14.88 -23.28 2.73
CA PHE B 253 14.59 -24.55 3.41
C PHE B 253 13.11 -24.67 3.74
N HIS B 254 12.49 -23.59 4.25
CA HIS B 254 11.07 -23.62 4.56
C HIS B 254 10.25 -24.08 3.37
N ALA B 255 10.61 -23.60 2.18
CA ALA B 255 9.85 -23.87 0.96
C ALA B 255 10.35 -25.08 0.18
N GLY B 256 11.41 -25.74 0.66
CA GLY B 256 11.89 -26.94 0.01
C GLY B 256 12.81 -26.72 -1.18
N GLY B 257 13.45 -25.56 -1.28
CA GLY B 257 14.35 -25.26 -2.39
C GLY B 257 15.78 -25.71 -2.12
N THR B 258 16.68 -25.25 -3.01
CA THR B 258 18.10 -25.56 -2.91
C THR B 258 18.88 -24.31 -2.52
N VAL B 259 19.79 -24.45 -1.57
CA VAL B 259 20.67 -23.38 -1.12
C VAL B 259 22.06 -23.67 -1.67
N VAL B 260 22.55 -22.79 -2.54
CA VAL B 260 23.88 -22.89 -3.12
C VAL B 260 24.78 -21.89 -2.42
N LEU B 261 25.93 -22.36 -1.92
CA LEU B 261 26.85 -21.54 -1.14
C LEU B 261 27.94 -20.97 -2.04
N ALA B 262 28.11 -19.64 -2.01
CA ALA B 262 29.22 -18.99 -2.70
C ALA B 262 30.31 -18.63 -1.70
N PRO B 263 31.53 -19.15 -1.86
CA PRO B 263 32.57 -18.84 -0.85
C PRO B 263 32.99 -17.38 -0.85
N ASN B 264 32.78 -16.68 -1.96
CA ASN B 264 33.03 -15.26 -2.07
C ASN B 264 32.08 -14.69 -3.11
N PRO B 265 31.81 -13.38 -3.07
CA PRO B 265 30.80 -12.81 -3.97
C PRO B 265 31.36 -12.26 -5.28
N SER B 266 32.58 -12.65 -5.65
CA SER B 266 33.16 -12.12 -6.88
C SER B 266 32.30 -12.52 -8.08
N PRO B 267 32.28 -11.70 -9.13
CA PRO B 267 31.55 -12.10 -10.35
C PRO B 267 31.93 -13.48 -10.86
N ASP B 268 33.22 -13.82 -10.89
CA ASP B 268 33.61 -15.11 -11.47
C ASP B 268 33.13 -16.27 -10.61
N THR B 269 33.22 -16.14 -9.29
CA THR B 269 32.74 -17.22 -8.41
C THR B 269 31.22 -17.31 -8.45
N ALA B 270 30.53 -16.19 -8.26
CA ALA B 270 29.08 -16.21 -8.17
C ALA B 270 28.44 -16.58 -9.50
N PHE B 271 28.91 -15.98 -10.60
CA PHE B 271 28.31 -16.28 -11.90
C PHE B 271 28.53 -17.75 -12.29
N SER B 272 29.70 -18.29 -11.95
CA SER B 272 29.95 -19.71 -12.20
C SER B 272 28.88 -20.57 -11.52
N LEU B 273 28.55 -20.25 -10.27
CA LEU B 273 27.54 -21.02 -9.54
C LEU B 273 26.14 -20.75 -10.08
N ILE B 274 25.85 -19.51 -10.48
CA ILE B 274 24.54 -19.21 -11.07
C ILE B 274 24.36 -20.02 -12.35
N GLU B 275 25.39 -20.05 -13.18
CA GLU B 275 25.32 -20.69 -14.49
C GLU B 275 25.19 -22.20 -14.35
N THR B 276 25.91 -22.79 -13.40
CA THR B 276 25.95 -24.24 -13.22
C THR B 276 24.70 -24.75 -12.51
N GLU B 277 24.31 -24.11 -11.41
CA GLU B 277 23.23 -24.58 -10.56
C GLU B 277 21.87 -23.97 -10.91
N ARG B 278 21.82 -23.11 -11.92
CA ARG B 278 20.57 -22.46 -12.36
C ARG B 278 19.89 -21.72 -11.21
N VAL B 279 20.68 -20.87 -10.55
CA VAL B 279 20.19 -20.04 -9.44
C VAL B 279 19.01 -19.18 -9.90
N THR B 280 17.96 -19.12 -9.06
CA THR B 280 16.77 -18.33 -9.35
C THR B 280 16.67 -17.04 -8.54
N ILE B 281 17.35 -16.94 -7.40
CA ILE B 281 17.30 -15.74 -6.58
C ILE B 281 18.59 -15.67 -5.76
N THR B 282 19.04 -14.46 -5.49
CA THR B 282 20.23 -14.23 -4.66
C THR B 282 20.09 -12.84 -4.04
N ALA B 283 20.95 -12.58 -3.06
CA ALA B 283 20.91 -11.31 -2.33
C ALA B 283 22.33 -10.76 -2.20
N VAL B 284 22.50 -9.46 -2.47
CA VAL B 284 23.79 -8.79 -2.44
C VAL B 284 23.63 -7.41 -1.81
N VAL B 285 24.77 -6.82 -1.43
CA VAL B 285 24.84 -5.42 -1.00
C VAL B 285 25.16 -4.55 -2.22
N PRO B 286 24.92 -3.24 -2.16
CA PRO B 286 25.04 -2.39 -3.37
C PRO B 286 26.40 -2.51 -4.06
N PRO B 287 27.52 -2.50 -3.33
CA PRO B 287 28.82 -2.60 -4.04
C PRO B 287 28.96 -3.87 -4.85
N ILE B 288 28.40 -4.99 -4.38
CA ILE B 288 28.47 -6.23 -5.13
C ILE B 288 27.56 -6.16 -6.35
N ALA B 289 26.38 -5.57 -6.20
CA ALA B 289 25.49 -5.38 -7.34
C ALA B 289 26.18 -4.59 -8.45
N LEU B 290 26.84 -3.49 -8.08
CA LEU B 290 27.55 -2.69 -9.08
C LEU B 290 28.65 -3.51 -9.75
N GLN B 291 29.43 -4.25 -8.97
CA GLN B 291 30.45 -5.11 -9.57
C GLN B 291 29.85 -6.08 -10.58
N TRP B 292 28.71 -6.68 -10.23
CA TRP B 292 28.08 -7.65 -11.15
C TRP B 292 27.54 -6.96 -12.39
N LEU B 293 26.94 -5.79 -12.23
CA LEU B 293 26.39 -5.07 -13.37
C LEU B 293 27.48 -4.67 -14.35
N ASP B 294 28.59 -4.16 -13.83
CA ASP B 294 29.71 -3.75 -14.68
C ASP B 294 30.37 -4.94 -15.35
N ALA B 295 30.43 -6.09 -14.66
CA ALA B 295 31.00 -7.29 -15.26
C ALA B 295 30.16 -7.77 -16.45
N VAL B 296 28.82 -7.68 -16.37
CA VAL B 296 27.98 -8.12 -17.47
C VAL B 296 27.93 -7.08 -18.57
N GLU B 297 27.87 -5.81 -18.20
CA GLU B 297 27.66 -4.78 -19.21
C GLU B 297 28.94 -4.52 -20.03
N HIS B 298 30.11 -4.55 -19.40
CA HIS B 298 31.32 -4.05 -20.03
C HIS B 298 32.29 -5.14 -20.49
N GLY B 299 31.87 -6.41 -20.49
CA GLY B 299 32.53 -7.48 -21.23
C GLY B 299 33.28 -8.51 -20.43
N SER B 300 33.56 -8.29 -19.14
CA SER B 300 34.42 -9.25 -18.45
C SER B 300 33.71 -10.58 -18.22
N GLN B 301 32.39 -10.56 -18.04
CA GLN B 301 31.64 -11.79 -17.74
C GLN B 301 30.34 -11.88 -18.54
N SER B 302 30.21 -11.12 -19.62
CA SER B 302 28.99 -11.11 -20.43
C SER B 302 28.63 -12.48 -20.99
N HIS B 303 29.59 -13.41 -21.04
CA HIS B 303 29.39 -14.74 -21.61
C HIS B 303 28.79 -15.73 -20.63
N ARG B 304 28.59 -15.33 -19.37
CA ARG B 304 28.01 -16.24 -18.37
C ARG B 304 26.50 -16.26 -18.51
N ASP B 305 25.92 -17.46 -18.48
CA ASP B 305 24.46 -17.62 -18.62
C ASP B 305 23.81 -17.40 -17.26
N LEU B 306 23.20 -16.23 -17.09
CA LEU B 306 22.48 -15.89 -15.87
C LEU B 306 20.98 -15.86 -16.09
N SER B 307 20.50 -16.52 -17.14
CA SER B 307 19.09 -16.41 -17.52
C SER B 307 18.14 -17.05 -16.50
N SER B 308 18.64 -17.98 -15.67
CA SER B 308 17.80 -18.60 -14.64
C SER B 308 17.48 -17.63 -13.51
N LEU B 309 18.24 -16.55 -13.36
CA LEU B 309 18.05 -15.62 -12.26
C LEU B 309 16.76 -14.83 -12.46
N ARG B 310 15.82 -14.98 -11.52
CA ARG B 310 14.54 -14.30 -11.57
C ARG B 310 14.51 -13.03 -10.75
N VAL B 311 15.21 -13.01 -9.61
CA VAL B 311 15.18 -11.91 -8.65
C VAL B 311 16.60 -11.66 -8.17
N LEU B 312 17.05 -10.42 -8.28
CA LEU B 312 18.27 -9.96 -7.63
C LEU B 312 17.88 -9.07 -6.46
N GLN B 313 18.10 -9.55 -5.23
CA GLN B 313 17.83 -8.73 -4.07
C GLN B 313 19.04 -7.87 -3.75
N VAL B 314 18.80 -6.59 -3.45
CA VAL B 314 19.84 -5.65 -3.07
C VAL B 314 19.39 -4.93 -1.81
N GLY B 315 20.20 -5.02 -0.75
CA GLY B 315 19.89 -4.34 0.49
C GLY B 315 21.13 -4.18 1.34
N GLY B 316 20.92 -3.78 2.59
CA GLY B 316 21.99 -3.55 3.53
C GLY B 316 22.52 -2.13 3.55
N ALA B 317 22.24 -1.35 2.52
CA ALA B 317 22.73 0.02 2.36
C ALA B 317 21.99 0.63 1.19
N LYS B 318 22.06 1.96 1.09
CA LYS B 318 21.31 2.67 0.05
C LYS B 318 21.76 2.22 -1.34
N PHE B 319 20.78 2.00 -2.21
CA PHE B 319 20.99 1.64 -3.61
C PHE B 319 20.38 2.74 -4.46
N ALA B 320 21.23 3.50 -5.17
CA ALA B 320 20.75 4.68 -5.87
C ALA B 320 19.82 4.30 -7.02
N PRO B 321 18.78 5.10 -7.29
CA PRO B 321 17.87 4.77 -8.40
C PRO B 321 18.57 4.57 -9.73
N GLU B 322 19.59 5.38 -10.01
CA GLU B 322 20.34 5.26 -11.25
C GLU B 322 20.90 3.86 -11.43
N ALA B 323 21.48 3.29 -10.37
CA ALA B 323 21.98 1.92 -10.41
C ALA B 323 20.83 0.91 -10.44
N ALA B 324 19.81 1.13 -9.62
CA ALA B 324 18.66 0.23 -9.60
C ALA B 324 18.05 0.07 -10.98
N ARG B 325 18.01 1.14 -11.77
CA ARG B 325 17.42 1.11 -13.11
C ARG B 325 18.25 0.30 -14.10
N ARG B 326 19.47 -0.09 -13.75
CA ARG B 326 20.29 -0.91 -14.62
C ARG B 326 20.02 -2.40 -14.48
N VAL B 327 19.38 -2.83 -13.39
CA VAL B 327 19.35 -4.26 -13.05
C VAL B 327 18.64 -5.05 -14.15
N ARG B 328 17.39 -4.71 -14.44
CA ARG B 328 16.69 -5.47 -15.48
C ARG B 328 17.35 -5.28 -16.84
N PRO B 329 17.65 -4.05 -17.29
CA PRO B 329 18.29 -3.92 -18.62
C PRO B 329 19.59 -4.68 -18.79
N VAL B 330 20.42 -4.78 -17.75
CA VAL B 330 21.72 -5.42 -17.89
C VAL B 330 21.63 -6.93 -17.65
N LEU B 331 20.91 -7.34 -16.60
CA LEU B 331 20.91 -8.73 -16.15
C LEU B 331 19.68 -9.51 -16.58
N GLY B 332 18.57 -8.84 -16.89
CA GLY B 332 17.37 -9.52 -17.35
C GLY B 332 16.44 -10.00 -16.25
N CYS B 333 16.77 -9.71 -14.99
CA CYS B 333 16.00 -10.15 -13.83
C CYS B 333 15.29 -8.97 -13.18
N THR B 334 14.42 -9.30 -12.23
CA THR B 334 13.68 -8.32 -11.46
C THR B 334 14.47 -7.91 -10.22
N LEU B 335 14.63 -6.61 -10.02
CA LEU B 335 15.22 -6.12 -8.78
C LEU B 335 14.22 -6.24 -7.64
N GLN B 336 14.73 -6.54 -6.45
CA GLN B 336 13.95 -6.40 -5.23
C GLN B 336 14.81 -5.69 -4.20
N GLN B 337 14.39 -4.49 -3.79
CA GLN B 337 15.09 -3.78 -2.74
C GLN B 337 14.61 -4.28 -1.38
N VAL B 338 15.56 -4.45 -0.46
CA VAL B 338 15.29 -5.01 0.86
C VAL B 338 15.93 -4.11 1.90
N PHE B 339 15.10 -3.42 2.67
CA PHE B 339 15.54 -2.54 3.74
C PHE B 339 15.09 -3.16 5.05
N GLY B 340 16.04 -3.82 5.75
CA GLY B 340 15.72 -4.51 6.99
C GLY B 340 16.82 -4.31 8.01
N MET B 341 16.61 -4.90 9.18
CA MET B 341 17.55 -4.76 10.28
C MET B 341 17.47 -5.99 11.17
N ALA B 342 18.61 -6.35 11.75
CA ALA B 342 18.66 -7.52 12.63
C ALA B 342 17.73 -7.39 13.83
N GLU B 343 17.35 -6.16 14.20
CA GLU B 343 16.42 -5.93 15.30
C GLU B 343 14.99 -6.30 14.94
N GLY B 344 14.68 -6.46 13.65
CA GLY B 344 13.32 -6.80 13.27
C GLY B 344 12.89 -6.37 11.89
N LEU B 345 12.17 -5.26 11.82
CA LEU B 345 11.45 -4.83 10.64
C LEU B 345 12.23 -5.08 9.35
N VAL B 346 11.55 -5.63 8.35
CA VAL B 346 12.09 -5.84 7.02
C VAL B 346 11.08 -5.31 6.01
N ASN B 347 11.57 -4.53 5.05
CA ASN B 347 10.76 -3.94 3.98
C ASN B 347 11.21 -4.54 2.65
N TYR B 348 10.23 -4.84 1.79
CA TYR B 348 10.48 -5.38 0.46
C TYR B 348 9.70 -4.59 -0.58
N THR B 349 10.35 -4.27 -1.70
CA THR B 349 9.54 -4.01 -2.89
C THR B 349 8.95 -5.33 -3.33
N ARG B 350 7.71 -5.30 -3.81
CA ARG B 350 7.04 -6.52 -4.22
C ARG B 350 7.45 -6.87 -5.64
N LEU B 351 7.42 -8.18 -5.95
CA LEU B 351 7.97 -8.62 -7.23
C LEU B 351 7.11 -8.21 -8.41
N ASP B 352 5.88 -7.76 -8.17
CA ASP B 352 5.00 -7.23 -9.21
C ASP B 352 4.71 -5.75 -9.03
N ASP B 353 5.47 -5.06 -8.19
CA ASP B 353 5.40 -3.60 -8.13
C ASP B 353 5.90 -3.04 -9.47
N PRO B 354 5.45 -1.84 -9.85
CA PRO B 354 5.99 -1.23 -11.08
C PRO B 354 7.46 -0.86 -10.91
N ASP B 355 8.17 -0.82 -12.03
CA ASP B 355 9.61 -0.57 -11.97
C ASP B 355 9.93 0.81 -11.40
N ASP B 356 9.03 1.77 -11.59
CA ASP B 356 9.28 3.08 -10.98
C ASP B 356 9.28 2.99 -9.46
N ILE B 357 8.47 2.09 -8.89
CA ILE B 357 8.47 1.89 -7.45
C ILE B 357 9.65 1.02 -7.03
N ILE B 358 9.90 -0.08 -7.77
CA ILE B 358 11.02 -0.95 -7.43
C ILE B 358 12.33 -0.17 -7.42
N THR B 359 12.53 0.74 -8.38
CA THR B 359 13.83 1.38 -8.52
C THR B 359 13.98 2.65 -7.68
N THR B 360 12.92 3.16 -7.07
CA THR B 360 12.97 4.40 -6.32
C THR B 360 12.62 4.28 -4.84
N THR B 361 12.27 3.09 -4.35
CA THR B 361 11.95 2.91 -2.95
C THR B 361 12.64 1.67 -2.39
N GLN B 362 12.70 1.62 -1.06
CA GLN B 362 13.25 0.48 -0.35
C GLN B 362 12.17 -0.42 0.25
N GLY B 363 10.95 -0.37 -0.28
CA GLY B 363 9.92 -1.36 -0.04
C GLY B 363 8.97 -0.96 1.07
N ARG B 364 7.99 -1.84 1.29
CA ARG B 364 7.04 -1.72 2.39
C ARG B 364 7.09 -2.97 3.28
N PRO B 365 6.65 -2.84 4.53
CA PRO B 365 6.94 -3.88 5.54
C PRO B 365 6.31 -5.23 5.22
N ILE B 366 6.87 -6.26 5.86
CA ILE B 366 6.37 -7.62 5.70
C ILE B 366 4.92 -7.73 6.15
N SER B 367 4.62 -7.21 7.34
CA SER B 367 3.41 -7.61 8.05
C SER B 367 2.37 -6.50 8.07
N PRO B 368 1.08 -6.84 7.99
CA PRO B 368 0.05 -5.82 8.22
C PRO B 368 0.13 -5.21 9.61
N ASP B 369 0.78 -5.87 10.56
CA ASP B 369 0.92 -5.34 11.92
C ASP B 369 2.31 -4.77 12.18
N ASP B 370 3.09 -4.52 11.12
CA ASP B 370 4.29 -3.70 11.26
C ASP B 370 3.87 -2.24 11.40
N GLU B 371 4.00 -1.70 12.61
CA GLU B 371 3.60 -0.34 12.89
C GLU B 371 4.74 0.61 12.55
N ILE B 372 4.45 1.60 11.72
CA ILE B 372 5.45 2.53 11.18
C ILE B 372 5.10 3.94 11.66
N ARG B 373 6.00 4.53 12.44
CA ARG B 373 5.87 5.92 12.90
C ARG B 373 7.08 6.71 12.46
N ILE B 374 6.84 7.82 11.76
CA ILE B 374 7.90 8.70 11.27
C ILE B 374 7.73 10.03 11.99
N VAL B 375 8.66 10.36 12.88
CA VAL B 375 8.48 11.44 13.83
C VAL B 375 9.61 12.46 13.70
N ASP B 376 9.37 13.64 14.28
CA ASP B 376 10.32 14.73 14.24
C ASP B 376 11.18 14.69 15.50
N GLU B 377 11.87 15.79 15.80
CA GLU B 377 12.72 15.85 16.98
C GLU B 377 11.95 15.74 18.29
N ALA B 378 10.64 16.00 18.27
CA ALA B 378 9.81 15.91 19.46
C ALA B 378 8.89 14.70 19.45
N ASP B 379 9.25 13.65 18.72
CA ASP B 379 8.46 12.43 18.61
C ASP B 379 7.07 12.69 18.06
N ARG B 380 6.87 13.80 17.36
CA ARG B 380 5.56 13.98 16.78
C ARG B 380 5.56 13.55 15.32
N PRO B 381 4.52 12.82 14.90
CA PRO B 381 4.47 12.38 13.50
C PRO B 381 4.57 13.55 12.53
N VAL B 382 5.49 13.44 11.59
CA VAL B 382 5.66 14.46 10.56
C VAL B 382 4.53 14.29 9.55
N PRO B 383 4.14 15.32 8.81
CA PRO B 383 3.14 15.14 7.76
C PRO B 383 3.58 14.06 6.79
N ASP B 384 2.63 13.23 6.38
CA ASP B 384 2.95 12.10 5.52
C ASP B 384 3.62 12.58 4.23
N GLY B 385 4.74 11.94 3.90
CA GLY B 385 5.56 12.34 2.76
C GLY B 385 6.84 13.05 3.15
N GLU B 386 6.94 13.54 4.38
CA GLU B 386 8.11 14.25 4.85
C GLU B 386 9.10 13.30 5.52
N VAL B 387 10.34 13.74 5.56
CA VAL B 387 11.42 12.94 6.14
C VAL B 387 11.42 13.08 7.66
N GLY B 388 11.56 11.96 8.36
CA GLY B 388 11.65 11.97 9.81
C GLY B 388 12.29 10.71 10.34
N HIS B 389 12.39 10.63 11.66
CA HIS B 389 12.96 9.47 12.33
C HIS B 389 11.99 8.29 12.26
N LEU B 390 12.54 7.11 11.93
CA LEU B 390 11.75 5.89 11.78
C LEU B 390 11.67 5.16 13.12
N LEU B 391 10.45 4.99 13.63
CA LEU B 391 10.17 4.14 14.79
C LEU B 391 9.25 3.02 14.35
N THR B 392 9.44 1.82 14.92
CA THR B 392 8.64 0.69 14.46
C THR B 392 8.38 -0.27 15.60
N ARG B 393 7.31 -1.05 15.44
CA ARG B 393 6.83 -2.01 16.43
C ARG B 393 6.02 -3.05 15.68
N GLY B 394 6.29 -4.33 15.93
CA GLY B 394 5.59 -5.38 15.23
C GLY B 394 5.89 -6.79 15.71
N PRO B 395 5.31 -7.78 15.03
CA PRO B 395 5.37 -9.17 15.51
C PRO B 395 6.74 -9.84 15.36
N TYR B 396 7.73 -9.18 14.77
CA TYR B 396 9.07 -9.76 14.73
C TYR B 396 10.14 -8.72 15.03
N THR B 397 9.77 -7.57 15.59
CA THR B 397 10.72 -6.58 16.06
C THR B 397 10.86 -6.70 17.58
N ILE B 398 12.10 -6.77 18.06
CA ILE B 398 12.38 -7.00 19.47
C ILE B 398 11.88 -5.83 20.32
N ARG B 399 11.74 -6.09 21.63
CA ARG B 399 11.38 -5.06 22.59
C ARG B 399 12.55 -4.64 23.47
N GLY B 400 13.69 -5.33 23.37
CA GLY B 400 14.91 -4.97 24.06
C GLY B 400 16.11 -5.78 23.61
N TYR B 401 17.31 -5.20 23.73
CA TYR B 401 18.53 -5.96 23.49
C TYR B 401 18.83 -6.88 24.67
N TYR B 402 19.74 -7.81 24.43
CA TYR B 402 20.10 -8.79 25.45
C TYR B 402 20.97 -8.12 26.51
N ARG B 403 20.53 -8.16 27.76
CA ARG B 403 21.31 -7.68 28.91
C ARG B 403 21.94 -6.32 28.60
N ALA B 404 21.07 -5.38 28.24
CA ALA B 404 21.46 -4.00 27.94
C ALA B 404 20.40 -3.09 28.55
N GLU B 405 20.26 -3.19 29.88
CA GLU B 405 19.23 -2.44 30.59
C GLU B 405 19.33 -0.94 30.32
N GLU B 406 20.55 -0.40 30.40
CA GLU B 406 20.72 1.03 30.19
C GLU B 406 20.44 1.42 28.74
N HIS B 407 21.07 0.73 27.79
CA HIS B 407 20.87 1.05 26.38
C HIS B 407 19.40 0.92 25.98
N ASN B 408 18.71 -0.11 26.49
CA ASN B 408 17.29 -0.27 26.15
C ASN B 408 16.48 0.97 26.51
N ALA B 409 16.90 1.72 27.53
CA ALA B 409 16.15 2.89 27.96
C ALA B 409 16.09 3.96 26.87
N THR B 410 17.11 4.03 26.02
CA THR B 410 17.17 5.05 24.99
C THR B 410 16.75 4.53 23.62
N ALA B 411 16.97 3.25 23.34
CA ALA B 411 16.69 2.67 22.04
C ALA B 411 15.22 2.32 21.83
N PHE B 412 14.41 2.28 22.89
CA PHE B 412 12.99 1.98 22.76
C PHE B 412 12.17 3.03 23.50
N THR B 413 11.01 3.36 22.94
CA THR B 413 10.13 4.27 23.63
C THR B 413 9.42 3.54 24.78
N PRO B 414 8.81 4.29 25.70
CA PRO B 414 8.10 3.63 26.80
C PRO B 414 7.05 2.64 26.34
N ASP B 415 6.38 2.89 25.23
CA ASP B 415 5.33 2.01 24.74
C ASP B 415 5.83 0.94 23.76
N GLY B 416 7.15 0.81 23.59
CA GLY B 416 7.72 -0.32 22.89
C GLY B 416 8.10 -0.11 21.44
N PHE B 417 8.14 1.13 20.95
CA PHE B 417 8.63 1.40 19.60
C PHE B 417 10.14 1.42 19.58
N TYR B 418 10.73 0.70 18.63
CA TYR B 418 12.18 0.67 18.44
C TYR B 418 12.62 1.86 17.61
N ARG B 419 13.69 2.53 18.06
CA ARG B 419 14.27 3.67 17.34
C ARG B 419 15.33 3.14 16.37
N THR B 420 14.98 3.08 15.08
CA THR B 420 15.89 2.48 14.11
C THR B 420 17.13 3.34 13.88
N GLY B 421 17.05 4.64 14.13
CA GLY B 421 18.14 5.52 13.77
C GLY B 421 18.19 5.90 12.31
N ASP B 422 17.19 5.50 11.53
CA ASP B 422 17.12 5.84 10.12
C ASP B 422 16.22 7.04 9.88
N LEU B 423 16.55 7.80 8.85
CA LEU B 423 15.70 8.86 8.35
C LEU B 423 15.04 8.37 7.07
N VAL B 424 13.71 8.41 7.04
CA VAL B 424 12.93 7.89 5.93
C VAL B 424 11.73 8.79 5.68
N ARG B 425 11.20 8.69 4.47
CA ARG B 425 9.89 9.22 4.16
C ARG B 425 9.00 8.08 3.64
N ARG B 426 7.69 8.28 3.75
CA ARG B 426 6.70 7.29 3.37
C ARG B 426 5.90 7.78 2.17
N THR B 427 5.70 6.89 1.19
CA THR B 427 4.94 7.19 0.00
C THR B 427 3.47 6.84 0.20
N PRO B 428 2.60 7.27 -0.71
CA PRO B 428 1.15 7.01 -0.53
C PRO B 428 0.79 5.54 -0.45
N THR B 429 1.58 4.66 -1.05
CA THR B 429 1.32 3.23 -1.06
C THR B 429 2.01 2.49 0.09
N GLY B 430 2.61 3.22 1.03
CA GLY B 430 3.25 2.61 2.17
C GLY B 430 4.71 2.27 2.00
N HIS B 431 5.28 2.48 0.81
CA HIS B 431 6.69 2.20 0.59
C HIS B 431 7.54 3.24 1.30
N LEU B 432 8.70 2.81 1.77
CA LEU B 432 9.63 3.67 2.48
C LEU B 432 10.81 4.01 1.58
N VAL B 433 11.30 5.25 1.71
CA VAL B 433 12.51 5.68 1.04
C VAL B 433 13.50 6.10 2.12
N VAL B 434 14.68 5.49 2.13
CA VAL B 434 15.69 5.83 3.12
C VAL B 434 16.46 7.07 2.65
N GLU B 435 16.43 8.12 3.47
CA GLU B 435 17.03 9.39 3.08
C GLU B 435 18.25 9.78 3.90
N GLY B 436 18.58 9.03 4.95
CA GLY B 436 19.73 9.35 5.75
C GLY B 436 19.71 8.55 7.04
N ARG B 437 20.59 8.93 7.97
CA ARG B 437 20.63 8.28 9.27
C ARG B 437 20.83 9.32 10.37
N ALA B 438 20.36 9.00 11.57
CA ALA B 438 20.63 9.80 12.75
C ALA B 438 21.59 9.14 13.71
N LYS B 439 21.73 7.81 13.67
CA LYS B 439 22.69 7.09 14.49
C LYS B 439 24.12 7.30 13.99
N ASP B 440 25.07 7.28 14.93
CA ASP B 440 26.49 7.49 14.63
C ASP B 440 27.11 6.17 14.17
N GLN B 441 26.71 5.77 12.96
CA GLN B 441 27.09 4.47 12.40
C GLN B 441 27.41 4.68 10.92
N ILE B 442 28.68 4.47 10.57
CA ILE B 442 29.13 4.54 9.19
C ILE B 442 28.72 3.25 8.49
N ASN B 443 28.07 3.37 7.35
CA ASN B 443 27.60 2.20 6.60
C ASN B 443 28.51 2.03 5.37
N ARG B 444 29.54 1.20 5.52
CA ARG B 444 30.52 0.97 4.47
C ARG B 444 30.03 -0.17 3.59
N GLY B 445 29.25 0.17 2.56
CA GLY B 445 28.71 -0.81 1.64
C GLY B 445 28.01 -1.99 2.29
N GLY B 446 27.30 -1.76 3.39
CA GLY B 446 26.58 -2.81 4.09
C GLY B 446 27.22 -3.21 5.41
N GLU B 447 28.51 -2.98 5.59
CA GLU B 447 29.18 -3.26 6.85
C GLU B 447 29.17 -2.00 7.72
N LYS B 448 28.70 -2.15 8.96
CA LYS B 448 28.44 -1.02 9.84
C LYS B 448 29.62 -0.78 10.78
N VAL B 449 30.07 0.47 10.84
CA VAL B 449 31.18 0.86 11.68
C VAL B 449 30.71 1.96 12.64
N SER B 450 30.92 1.75 13.93
CA SER B 450 30.65 2.77 14.93
C SER B 450 31.87 3.67 15.05
N ALA B 451 31.69 4.97 14.83
CA ALA B 451 32.80 5.90 14.91
C ALA B 451 33.38 5.95 16.31
N GLU B 452 32.51 5.90 17.33
CA GLU B 452 32.98 5.88 18.71
C GLU B 452 33.92 4.71 18.95
N GLU B 453 33.49 3.50 18.56
CA GLU B 453 34.31 2.31 18.81
C GLU B 453 35.69 2.43 18.19
N VAL B 454 35.77 2.81 16.92
CA VAL B 454 37.07 2.92 16.25
C VAL B 454 37.90 4.01 16.90
N GLU B 455 37.30 5.16 17.19
CA GLU B 455 38.02 6.23 17.87
C GLU B 455 38.65 5.73 19.17
N ASN B 456 37.87 5.01 19.98
CA ASN B 456 38.37 4.55 21.27
C ASN B 456 39.54 3.57 21.11
N HIS B 457 39.55 2.81 20.01
CA HIS B 457 40.71 1.96 19.75
C HIS B 457 41.91 2.78 19.33
N ILE B 458 41.70 3.78 18.47
CA ILE B 458 42.79 4.69 18.10
C ILE B 458 43.32 5.41 19.33
N LEU B 459 42.42 5.82 20.24
CA LEU B 459 42.85 6.50 21.46
C LEU B 459 43.69 5.61 22.35
N ALA B 460 43.56 4.28 22.25
CA ALA B 460 44.37 3.38 23.07
C ALA B 460 45.84 3.46 22.73
N HIS B 461 46.18 3.91 21.52
CA HIS B 461 47.58 4.03 21.12
C HIS B 461 48.29 5.03 22.04
N PRO B 462 49.46 4.71 22.56
CA PRO B 462 50.13 5.62 23.51
C PRO B 462 50.47 6.98 22.92
N ALA B 463 50.65 7.08 21.62
CA ALA B 463 51.07 8.32 20.98
C ALA B 463 49.91 9.17 20.49
N VAL B 464 48.66 8.76 20.72
CA VAL B 464 47.49 9.47 20.22
C VAL B 464 46.92 10.33 21.34
N HIS B 465 46.65 11.59 21.04
CA HIS B 465 46.04 12.53 21.96
C HIS B 465 44.53 12.62 21.78
N ASP B 466 44.06 12.55 20.53
CA ASP B 466 42.63 12.64 20.23
C ASP B 466 42.40 12.07 18.84
N ALA B 467 41.16 11.70 18.56
CA ALA B 467 40.80 11.16 17.24
C ALA B 467 39.33 11.39 16.99
N ALA B 468 38.99 11.54 15.70
CA ALA B 468 37.61 11.65 15.26
C ALA B 468 37.45 10.81 14.00
N VAL B 469 36.49 9.89 14.02
CA VAL B 469 36.24 8.98 12.90
C VAL B 469 34.93 9.37 12.24
N VAL B 470 34.96 9.57 10.92
CA VAL B 470 33.79 10.00 10.17
C VAL B 470 33.71 9.24 8.85
N GLY B 471 32.53 9.27 8.25
CA GLY B 471 32.34 8.70 6.93
C GLY B 471 32.60 9.75 5.86
N MET B 472 33.27 9.33 4.80
CA MET B 472 33.50 10.17 3.64
C MET B 472 32.76 9.58 2.45
N SER B 473 32.01 10.43 1.74
CA SER B 473 31.16 9.96 0.65
C SER B 473 31.96 9.11 -0.33
N ASP B 474 31.31 8.07 -0.86
CA ASP B 474 31.93 7.16 -1.81
C ASP B 474 30.85 6.71 -2.77
N PRO B 475 31.09 6.70 -4.08
CA PRO B 475 30.03 6.35 -5.03
C PRO B 475 29.68 4.87 -5.03
N TYR B 476 30.54 4.01 -4.48
CA TYR B 476 30.26 2.58 -4.48
C TYR B 476 29.79 2.06 -3.12
N LEU B 477 30.56 2.38 -2.08
CA LEU B 477 30.26 1.94 -0.72
C LEU B 477 29.36 2.91 0.04
N GLY B 478 29.02 4.05 -0.55
CA GLY B 478 28.26 5.06 0.16
C GLY B 478 29.10 5.86 1.11
N GLU B 479 29.87 5.18 1.98
CA GLU B 479 30.81 5.85 2.86
C GLU B 479 32.09 5.02 2.95
N ARG B 480 33.20 5.72 3.11
CA ARG B 480 34.44 5.12 3.56
C ARG B 480 34.75 5.64 4.96
N VAL B 481 35.67 4.96 5.64
CA VAL B 481 36.00 5.24 7.04
C VAL B 481 37.25 6.12 7.04
N CYS B 482 37.10 7.38 7.49
CA CYS B 482 38.19 8.32 7.59
C CYS B 482 38.42 8.70 9.05
N ALA B 483 39.68 8.64 9.50
CA ALA B 483 40.05 8.97 10.86
C ALA B 483 40.96 10.19 10.87
N TYR B 484 40.55 11.23 11.59
CA TYR B 484 41.42 12.35 11.92
C TYR B 484 42.08 12.06 13.27
N VAL B 485 43.40 12.09 13.30
CA VAL B 485 44.17 11.71 14.48
C VAL B 485 45.05 12.89 14.87
N ILE B 486 45.05 13.21 16.17
CA ILE B 486 45.92 14.23 16.74
C ILE B 486 47.01 13.53 17.53
N ALA B 487 48.24 13.66 17.07
CA ALA B 487 49.44 13.15 17.75
C ALA B 487 50.40 14.31 18.01
N PRO B 491 54.68 10.99 16.62
CA PRO B 491 53.48 10.32 16.10
C PRO B 491 53.85 9.09 15.28
N PRO B 492 52.91 8.16 15.12
CA PRO B 492 53.19 6.97 14.29
C PRO B 492 52.86 7.23 12.83
N SER B 493 53.39 6.34 11.99
CA SER B 493 53.06 6.40 10.58
C SER B 493 51.66 5.83 10.35
N ARG B 494 51.08 6.21 9.21
CA ARG B 494 49.80 5.61 8.84
C ARG B 494 49.88 4.09 8.83
N SER B 495 51.03 3.54 8.43
CA SER B 495 51.19 2.09 8.40
C SER B 495 51.26 1.49 9.81
N GLU B 496 51.90 2.21 10.74
CA GLU B 496 52.00 1.71 12.11
C GLU B 496 50.69 1.84 12.86
N LEU B 497 49.88 2.86 12.56
CA LEU B 497 48.61 3.02 13.24
C LEU B 497 47.64 1.91 12.84
N LEU B 498 47.52 1.65 11.54
CA LEU B 498 46.64 0.58 11.08
C LEU B 498 47.12 -0.78 11.57
N ARG B 499 48.43 -1.01 11.59
CA ARG B 499 48.96 -2.25 12.15
C ARG B 499 48.64 -2.36 13.63
N PHE B 500 48.60 -1.22 14.34
CA PHE B 500 48.22 -1.24 15.75
C PHE B 500 46.75 -1.62 15.92
N LEU B 501 45.89 -1.12 15.04
CA LEU B 501 44.47 -1.47 15.14
C LEU B 501 44.22 -2.94 14.81
N ARG B 502 44.97 -3.46 13.84
CA ARG B 502 44.84 -4.85 13.43
C ARG B 502 45.29 -5.78 14.56
N GLU B 503 46.30 -5.35 15.30
CA GLU B 503 46.84 -6.13 16.41
C GLU B 503 45.86 -6.15 17.58
N ARG B 504 45.16 -5.02 17.77
CA ARG B 504 44.20 -4.91 18.86
C ARG B 504 43.16 -6.03 18.78
N GLY B 505 42.59 -6.25 17.61
CA GLY B 505 41.58 -7.28 17.33
C GLY B 505 40.34 -6.82 16.61
N LEU B 506 40.40 -5.66 15.96
CA LEU B 506 39.22 -5.15 15.31
C LEU B 506 38.84 -5.87 14.04
N ALA B 507 37.54 -5.89 13.74
CA ALA B 507 37.06 -6.45 12.48
C ALA B 507 37.71 -5.74 11.31
N SER B 508 37.96 -6.51 10.25
CA SER B 508 38.68 -6.00 9.09
C SER B 508 38.03 -4.74 8.52
N TYR B 509 36.70 -4.74 8.37
CA TYR B 509 35.99 -3.60 7.78
C TYR B 509 35.96 -2.39 8.69
N LYS B 510 36.52 -2.45 9.89
CA LYS B 510 36.55 -1.31 10.81
C LYS B 510 37.86 -0.55 10.75
N ILE B 511 38.88 -1.10 10.09
CA ILE B 511 40.14 -0.38 9.90
C ILE B 511 39.90 0.81 8.98
N PRO B 512 40.28 2.03 9.35
CA PRO B 512 39.99 3.21 8.53
C PRO B 512 40.57 3.09 7.13
N ASP B 513 39.80 3.57 6.15
CA ASP B 513 40.26 3.64 4.77
C ASP B 513 41.25 4.78 4.57
N ARG B 514 41.13 5.86 5.34
CA ARG B 514 41.96 7.03 5.20
C ARG B 514 42.35 7.52 6.59
N VAL B 515 43.60 7.94 6.74
CA VAL B 515 44.11 8.46 8.01
C VAL B 515 44.76 9.80 7.73
N GLU B 516 44.28 10.84 8.40
CA GLU B 516 44.79 12.20 8.22
C GLU B 516 45.26 12.71 9.57
N PHE B 517 46.58 12.76 9.77
CA PHE B 517 47.14 13.33 10.98
C PHE B 517 47.04 14.85 10.94
N VAL B 518 46.52 15.45 12.00
CA VAL B 518 46.35 16.89 12.07
C VAL B 518 46.73 17.37 13.47
N ASP B 519 47.15 18.64 13.55
CA ASP B 519 47.41 19.25 14.85
C ASP B 519 46.12 19.63 15.55
N ARG B 520 45.05 19.87 14.79
CA ARG B 520 43.76 20.25 15.31
C ARG B 520 42.71 19.88 14.28
N PHE B 521 41.50 19.60 14.74
CA PHE B 521 40.45 19.18 13.82
C PHE B 521 40.07 20.34 12.91
N PRO B 522 40.10 20.14 11.59
CA PRO B 522 39.86 21.26 10.67
C PRO B 522 38.43 21.78 10.69
N VAL B 523 37.98 22.27 11.84
CA VAL B 523 36.68 22.91 11.99
C VAL B 523 36.82 24.03 13.01
N THR B 524 35.82 24.90 13.06
CA THR B 524 35.83 26.00 14.02
C THR B 524 35.00 25.64 15.25
N GLY B 525 35.50 26.03 16.41
CA GLY B 525 34.78 25.81 17.67
C GLY B 525 34.82 24.40 18.18
N VAL B 526 35.97 23.73 18.10
CA VAL B 526 36.07 22.34 18.51
C VAL B 526 35.69 22.18 19.98
N GLY B 527 36.28 23.00 20.84
CA GLY B 527 35.90 22.95 22.25
C GLY B 527 34.54 23.53 22.57
N LYS B 528 33.81 24.02 21.56
CA LYS B 528 32.50 24.61 21.75
C LYS B 528 31.40 23.83 21.04
N ILE B 529 31.69 22.62 20.56
CA ILE B 529 30.70 21.77 19.93
C ILE B 529 30.84 20.36 20.49
N SER B 530 29.74 19.61 20.43
CA SER B 530 29.75 18.25 20.96
C SER B 530 30.58 17.34 20.05
N ARG B 531 30.86 16.14 20.56
CA ARG B 531 31.57 15.14 19.76
C ARG B 531 30.74 14.69 18.56
N SER B 532 29.41 14.64 18.71
CA SER B 532 28.57 14.30 17.56
C SER B 532 28.62 15.41 16.51
N GLU B 533 28.55 16.67 16.94
CA GLU B 533 28.59 17.78 15.99
C GLU B 533 29.93 17.84 15.27
N LEU B 534 31.02 17.64 16.01
CA LEU B 534 32.34 17.62 15.39
C LEU B 534 32.39 16.62 14.24
N ARG B 535 31.88 15.40 14.48
CA ARG B 535 31.85 14.40 13.42
C ARG B 535 31.02 14.87 12.23
N ARG B 536 29.88 15.48 12.52
CA ARG B 536 29.00 15.99 11.48
C ARG B 536 29.70 17.03 10.61
N GLU B 537 30.38 17.97 11.24
CA GLU B 537 31.10 19.02 10.51
C GLU B 537 32.26 18.44 9.70
N LEU B 538 33.00 17.50 10.29
CA LEU B 538 34.12 16.88 9.57
C LEU B 538 33.63 16.12 8.34
N ALA B 539 32.49 15.42 8.48
CA ALA B 539 31.93 14.70 7.36
C ALA B 539 31.52 15.65 6.23
N ARG B 540 30.96 16.79 6.62
CA ARG B 540 30.52 17.80 5.65
C ARG B 540 31.67 18.17 4.72
N ARG B 541 32.82 18.49 5.31
CA ARG B 541 33.99 18.86 4.52
C ARG B 541 34.45 17.72 3.63
N LEU B 542 34.33 16.48 4.10
CA LEU B 542 34.70 15.31 3.31
C LEU B 542 33.63 14.90 2.31
N ASP B 543 32.67 15.77 2.06
CA ASP B 543 31.65 15.49 1.05
C ASP B 543 31.58 16.65 0.05
#